data_6VP9
#
_entry.id   6VP9
#
_cell.length_a   1.00
_cell.length_b   1.00
_cell.length_c   1.00
_cell.angle_alpha   90.00
_cell.angle_beta   90.00
_cell.angle_gamma   90.00
#
_symmetry.space_group_name_H-M   'P 1'
#
loop_
_entity.id
_entity.type
_entity.pdbx_description
1 polymer 'N-alpha-acetyltransferase 20'
2 polymer 'N-alpha-acetyltransferase 25, NatB auxiliary subunit'
3 polymer 'MDVFM peptide'
4 non-polymer 'CARBOXYMETHYL COENZYME *A'
#
loop_
_entity_poly.entity_id
_entity_poly.type
_entity_poly.pdbx_seq_one_letter_code
_entity_poly.pdbx_strand_id
1 'polypeptide(L)'
;MTTLRAFTCDDLFRFNNINLDPLTETYGIPFYLQYLAHWPEYFIVAEAPGGELMGYIMGKAEGSVAREEWHGHVTALSVA
PEFRRLGLAAKLMELLEEISERKGGFFVDLFVRVSNQVAVNMYKQLGYSVYRTVIEYYSASNGEPDEDAYDMRKALSRDT
EKK
;
A
2 'polypeptide(L)'
;MATRGHVQDPNDRRLRPIYDYLDNGNNKMAIQQADKLLKKHKDLHCAKVLKAIGLQRTGKQEEAFTLAQEVAALEPTDDN
SLQALTILYREMHRPELVTKLYEAAVKKVPNSEEYHSHLFMAYARVGEYKKMQQAGMALYKIVPKNPYYFWSVMSLIMQS
ISAQDENLSKTMFLPLAERMVEKMVKEDKIEAEAEVELYYMILERLGKYQEALDVIRGKLGEKLTSEIQSRENKCMAMYK
KLSRWPECNALSRRLLLKNSDDWQFYLTYFDSVFRLIEEAWSPPAEGEHSLEGEVHYSAEKAVKFIEDRITEESKSSRHL
RGPHLAKLELIRRLRSQGCNDEYKLGDPEELMFQYFKKFGDKPCCFTDLKVFVDLLPATQCTKFINQLLGVVPLSTPTED
KLALPADIRALQQHLCVVQLTRLLGLYHTMDKNQKLSVVRELMLRYQHGLEFGKTCLKTELQFSDYYCLLAVHALIDVWR
ETGDETTVWQALTLLEEGLTHSPSNAQFKLLLVRIYCMLGAFEPVVDLYSSLDAKHIQHDTIGYLLTRYAESLGQYAAAS
QSCNFALRFFHSNQKDTSEYIIQAYKYGAFEKIPEFIAFRNRLNNSLHFAQVRTERMLLDLLLEANISTSLAESIKSMNL
RPEEDDIPWEDLRDNRDLNVFFSWDPKDRDVSEEHKKLSLEEETLWLRIRSLTLRLISGLPSLNHPVEPKNSEKTAENGV
SSRIDILRLLLQQLEATLETGKRFIEKDIQYPFLGPVPTRMGGFFNSGCSQCQISSFYLVNDIYELDTSGLEDTMEIQER
IENSFKSLLDQLKDVFSKCKGDLLEVKDGNLKTHPTLLENLVFFVETISVILWVSSYCESVLRPYKLNLQKKKKKKKETS
IIMPPVFTSFQDYVTGLQTLISNVVDHIKGLETHLIALKLEELILEDTSLSPEERKFSKTVQGKVQSSYLHSLLEMGELL
KKRLETTKKLKI
;
B
3 'polypeptide(L)' MDVFM C
#
loop_
_chem_comp.id
_chem_comp.type
_chem_comp.name
_chem_comp.formula
CMC non-polymer 'CARBOXYMETHYL COENZYME *A' 'C23 H38 N7 O18 P3 S'
#
# COMPACT_ATOMS: atom_id res chain seq x y z
N THR A 2 -16.58 -15.10 10.40
CA THR A 2 -15.62 -15.10 9.30
C THR A 2 -16.31 -15.19 7.94
N THR A 3 -15.90 -14.32 7.03
CA THR A 3 -16.48 -14.22 5.70
C THR A 3 -15.48 -14.77 4.68
N LEU A 4 -15.83 -15.88 4.05
CA LEU A 4 -14.95 -16.50 3.06
C LEU A 4 -15.36 -16.04 1.68
N ARG A 5 -14.54 -15.19 1.07
CA ARG A 5 -14.82 -14.63 -0.26
C ARG A 5 -13.61 -14.85 -1.15
N ALA A 6 -13.65 -14.25 -2.34
CA ALA A 6 -12.55 -14.36 -3.29
C ALA A 6 -11.65 -13.14 -3.17
N PHE A 7 -10.34 -13.37 -3.30
CA PHE A 7 -9.35 -12.34 -3.06
C PHE A 7 -9.32 -11.33 -4.19
N THR A 8 -10.23 -10.36 -4.15
CA THR A 8 -10.23 -9.33 -5.18
C THR A 8 -9.03 -8.43 -5.02
N CYS A 9 -8.48 -7.99 -6.15
CA CYS A 9 -7.54 -6.88 -6.11
C CYS A 9 -8.24 -5.68 -5.47
N ASP A 10 -7.43 -4.76 -4.93
CA ASP A 10 -7.80 -3.73 -3.96
C ASP A 10 -7.87 -4.35 -2.56
N ASP A 11 -7.65 -5.64 -2.43
CA ASP A 11 -7.30 -6.26 -1.15
C ASP A 11 -5.81 -6.39 -0.98
N LEU A 12 -5.03 -6.26 -2.06
CA LEU A 12 -3.59 -6.21 -1.95
C LEU A 12 -3.10 -5.05 -1.11
N PHE A 13 -3.92 -4.02 -0.92
CA PHE A 13 -3.58 -2.89 -0.06
C PHE A 13 -4.03 -3.12 1.38
N ARG A 14 -4.42 -4.35 1.74
CA ARG A 14 -4.96 -4.58 3.07
C ARG A 14 -4.41 -5.82 3.76
N PHE A 15 -3.55 -6.63 3.13
CA PHE A 15 -3.00 -7.74 3.88
C PHE A 15 -1.75 -7.37 4.66
N ASN A 16 -1.72 -6.24 5.33
CA ASN A 16 -0.50 -5.87 6.04
C ASN A 16 -0.48 -6.35 7.47
N ASN A 17 -1.54 -6.99 7.94
CA ASN A 17 -1.46 -7.76 9.17
C ASN A 17 -1.23 -9.24 8.90
N ILE A 18 -1.45 -9.68 7.67
CA ILE A 18 -1.21 -11.07 7.27
C ILE A 18 0.20 -11.27 6.76
N ASN A 19 0.72 -10.30 6.00
CA ASN A 19 1.99 -10.43 5.33
C ASN A 19 3.14 -9.78 6.07
N LEU A 20 2.90 -9.23 7.26
CA LEU A 20 4.00 -8.75 8.10
C LEU A 20 4.44 -9.82 9.09
N ASP A 21 4.73 -11.01 8.59
CA ASP A 21 5.29 -12.09 9.38
C ASP A 21 6.65 -12.48 8.83
N PRO A 22 7.49 -13.15 9.64
CA PRO A 22 8.78 -13.61 9.13
C PRO A 22 8.68 -14.81 8.21
N LEU A 23 7.51 -15.46 8.13
CA LEU A 23 7.34 -16.64 7.30
C LEU A 23 6.50 -16.41 6.06
N THR A 24 5.78 -15.29 5.98
CA THR A 24 4.92 -14.98 4.85
C THR A 24 5.64 -14.01 3.92
N GLU A 25 5.56 -14.28 2.61
CA GLU A 25 6.19 -13.44 1.61
C GLU A 25 5.16 -12.57 0.89
N THR A 26 5.66 -11.61 0.13
CA THR A 26 4.78 -10.67 -0.55
C THR A 26 4.72 -10.83 -2.07
N TYR A 27 5.74 -11.43 -2.68
CA TYR A 27 5.59 -12.01 -4.01
C TYR A 27 5.43 -11.00 -5.15
N GLY A 28 5.32 -9.71 -4.84
CA GLY A 28 5.19 -8.73 -5.90
C GLY A 28 3.84 -8.73 -6.57
N ILE A 29 3.60 -7.76 -7.44
CA ILE A 29 2.30 -7.57 -8.09
C ILE A 29 2.09 -8.48 -9.30
N PRO A 30 3.08 -8.71 -10.17
CA PRO A 30 2.85 -9.66 -11.26
C PRO A 30 2.47 -11.05 -10.80
N PHE A 31 3.04 -11.51 -9.68
CA PHE A 31 2.66 -12.81 -9.14
C PHE A 31 1.18 -12.84 -8.75
N TYR A 32 0.74 -11.85 -7.99
CA TYR A 32 -0.64 -11.82 -7.56
C TYR A 32 -1.59 -11.66 -8.75
N LEU A 33 -1.20 -10.85 -9.74
CA LEU A 33 -2.08 -10.66 -10.88
C LEU A 33 -2.16 -11.90 -11.74
N GLN A 34 -1.06 -12.65 -11.86
CA GLN A 34 -1.11 -13.91 -12.58
C GLN A 34 -2.01 -14.91 -11.86
N TYR A 35 -1.87 -15.02 -10.54
CA TYR A 35 -2.71 -15.97 -9.82
C TYR A 35 -4.15 -15.51 -9.67
N LEU A 36 -4.44 -14.25 -9.95
CA LEU A 36 -5.81 -13.79 -10.01
C LEU A 36 -6.42 -13.92 -11.39
N ALA A 37 -5.60 -13.86 -12.44
CA ALA A 37 -6.10 -14.01 -13.80
C ALA A 37 -6.29 -15.47 -14.16
N HIS A 38 -5.26 -16.29 -13.96
CA HIS A 38 -5.34 -17.69 -14.36
C HIS A 38 -6.23 -18.49 -13.41
N TRP A 39 -5.84 -18.58 -12.15
CA TRP A 39 -6.55 -19.41 -11.17
C TRP A 39 -7.24 -18.56 -10.11
N PRO A 40 -8.39 -17.97 -10.40
CA PRO A 40 -9.13 -17.23 -9.38
C PRO A 40 -9.98 -18.07 -8.47
N GLU A 41 -10.00 -19.40 -8.66
CA GLU A 41 -10.73 -20.26 -7.74
C GLU A 41 -9.92 -20.54 -6.49
N TYR A 42 -8.64 -20.88 -6.65
CA TYR A 42 -7.75 -21.12 -5.52
C TYR A 42 -7.17 -19.83 -4.98
N PHE A 43 -8.00 -18.83 -4.72
CA PHE A 43 -7.50 -17.59 -4.16
C PHE A 43 -8.48 -17.04 -3.14
N ILE A 44 -8.99 -17.93 -2.29
CA ILE A 44 -9.92 -17.55 -1.25
C ILE A 44 -9.24 -16.61 -0.27
N VAL A 45 -10.05 -15.79 0.40
CA VAL A 45 -9.58 -14.94 1.47
C VAL A 45 -10.69 -14.89 2.52
N ALA A 46 -10.31 -14.65 3.77
CA ALA A 46 -11.25 -14.62 4.87
C ALA A 46 -11.20 -13.25 5.52
N GLU A 47 -12.36 -12.67 5.76
CA GLU A 47 -12.47 -11.32 6.29
C GLU A 47 -13.35 -11.34 7.54
N ALA A 48 -12.85 -10.75 8.62
CA ALA A 48 -13.50 -10.77 9.92
C ALA A 48 -14.80 -9.97 9.89
N PRO A 49 -15.54 -9.88 11.01
CA PRO A 49 -16.75 -9.04 11.04
C PRO A 49 -16.54 -7.62 10.54
N GLY A 50 -15.64 -6.87 11.16
CA GLY A 50 -15.35 -5.54 10.65
C GLY A 50 -13.99 -5.44 10.01
N GLY A 51 -13.95 -5.45 8.68
CA GLY A 51 -12.68 -5.41 7.96
C GLY A 51 -11.79 -6.56 8.39
N GLU A 52 -10.52 -6.26 8.65
CA GLU A 52 -9.62 -7.18 9.34
C GLU A 52 -9.48 -8.50 8.59
N LEU A 53 -8.81 -8.43 7.43
CA LEU A 53 -8.46 -9.62 6.67
C LEU A 53 -7.84 -10.68 7.57
N MET A 54 -8.52 -11.81 7.74
CA MET A 54 -8.05 -12.82 8.67
C MET A 54 -6.91 -13.65 8.07
N GLY A 55 -7.03 -14.04 6.82
CA GLY A 55 -5.96 -14.78 6.18
C GLY A 55 -6.35 -15.38 4.85
N TYR A 56 -5.47 -15.30 3.87
CA TYR A 56 -5.77 -15.74 2.53
C TYR A 56 -5.11 -17.09 2.25
N ILE A 57 -5.44 -17.66 1.10
CA ILE A 57 -4.76 -18.85 0.59
C ILE A 57 -4.66 -18.77 -0.91
N MET A 58 -3.46 -18.54 -1.44
CA MET A 58 -3.27 -18.64 -2.87
C MET A 58 -3.32 -20.11 -3.28
N GLY A 59 -3.09 -20.38 -4.55
CA GLY A 59 -3.06 -21.75 -4.99
C GLY A 59 -3.23 -21.90 -6.48
N LYS A 60 -2.66 -22.96 -7.04
CA LYS A 60 -2.73 -23.22 -8.46
C LYS A 60 -2.87 -24.72 -8.70
N ALA A 61 -3.24 -25.07 -9.92
CA ALA A 61 -3.39 -26.48 -10.34
C ALA A 61 -2.75 -26.59 -11.71
N GLU A 62 -1.45 -26.90 -11.73
CA GLU A 62 -0.68 -26.97 -12.97
C GLU A 62 0.04 -28.30 -13.02
N GLY A 63 -0.33 -29.14 -13.96
CA GLY A 63 0.29 -30.44 -14.14
C GLY A 63 0.08 -30.98 -15.53
N SER A 64 -0.15 -32.28 -15.65
CA SER A 64 -0.41 -32.89 -16.95
C SER A 64 -1.16 -34.20 -16.72
N VAL A 65 -2.45 -34.23 -17.05
CA VAL A 65 -3.25 -35.44 -16.93
C VAL A 65 -2.70 -36.47 -17.93
N ALA A 66 -3.12 -37.72 -17.78
CA ALA A 66 -2.62 -38.86 -18.54
C ALA A 66 -1.20 -39.24 -18.13
N ARG A 67 -0.68 -38.63 -17.06
CA ARG A 67 0.58 -39.05 -16.47
C ARG A 67 0.47 -39.08 -14.95
N GLU A 68 -0.71 -38.84 -14.40
CA GLU A 68 -0.93 -38.82 -12.95
C GLU A 68 -0.07 -37.74 -12.28
N GLU A 69 -0.10 -36.54 -12.87
CA GLU A 69 0.61 -35.40 -12.30
C GLU A 69 -0.25 -34.15 -12.31
N TRP A 70 -1.57 -34.28 -12.45
CA TRP A 70 -2.47 -33.13 -12.40
C TRP A 70 -2.79 -32.86 -10.93
N HIS A 71 -1.94 -32.07 -10.30
CA HIS A 71 -2.03 -31.80 -8.88
C HIS A 71 -2.45 -30.36 -8.62
N GLY A 72 -3.00 -30.13 -7.43
CA GLY A 72 -3.38 -28.80 -7.01
C GLY A 72 -2.40 -28.26 -5.99
N HIS A 73 -1.64 -27.24 -6.41
CA HIS A 73 -0.61 -26.69 -5.56
C HIS A 73 -1.23 -25.87 -4.43
N VAL A 74 -0.38 -25.44 -3.51
CA VAL A 74 -0.73 -24.45 -2.50
C VAL A 74 0.40 -23.43 -2.43
N THR A 75 0.26 -22.33 -3.13
CA THR A 75 1.36 -21.39 -3.34
C THR A 75 1.42 -20.29 -2.29
N ALA A 76 0.60 -20.35 -1.26
CA ALA A 76 0.69 -19.46 -0.12
C ALA A 76 -0.38 -19.85 0.88
N LEU A 77 -0.17 -19.45 2.13
CA LEU A 77 -1.18 -19.65 3.16
C LEU A 77 -0.78 -18.85 4.38
N SER A 78 -1.70 -18.05 4.91
CA SER A 78 -1.36 -17.22 6.05
C SER A 78 -2.63 -16.91 6.83
N VAL A 79 -2.45 -16.70 8.13
CA VAL A 79 -3.53 -16.25 9.00
C VAL A 79 -2.97 -15.15 9.89
N ALA A 80 -3.75 -14.10 10.09
CA ALA A 80 -3.29 -12.97 10.87
C ALA A 80 -2.97 -13.42 12.29
N PRO A 81 -1.84 -13.00 12.86
CA PRO A 81 -1.44 -13.51 14.19
C PRO A 81 -2.42 -13.23 15.31
N GLU A 82 -3.43 -12.38 15.10
CA GLU A 82 -4.49 -12.20 16.07
C GLU A 82 -5.73 -13.00 15.74
N PHE A 83 -5.67 -13.87 14.72
CA PHE A 83 -6.80 -14.70 14.32
C PHE A 83 -6.43 -16.18 14.22
N ARG A 84 -5.35 -16.60 14.87
CA ARG A 84 -4.87 -17.97 14.75
C ARG A 84 -5.53 -18.87 15.79
N ARG A 85 -5.32 -20.17 15.60
CA ARG A 85 -5.88 -21.19 16.50
C ARG A 85 -7.41 -21.17 16.50
N LEU A 86 -8.00 -20.67 15.42
CA LEU A 86 -9.45 -20.63 15.28
C LEU A 86 -9.99 -21.75 14.39
N GLY A 87 -9.11 -22.49 13.72
CA GLY A 87 -9.56 -23.40 12.70
C GLY A 87 -9.71 -22.77 11.34
N LEU A 88 -9.05 -21.64 11.10
CA LEU A 88 -9.19 -20.93 9.84
C LEU A 88 -8.34 -21.57 8.75
N ALA A 89 -7.07 -21.87 9.04
CA ALA A 89 -6.21 -22.46 8.03
C ALA A 89 -6.68 -23.85 7.64
N ALA A 90 -7.23 -24.61 8.58
CA ALA A 90 -7.84 -25.88 8.23
C ALA A 90 -9.00 -25.67 7.28
N LYS A 91 -9.79 -24.63 7.49
CA LYS A 91 -10.91 -24.34 6.61
C LYS A 91 -10.44 -23.97 5.21
N LEU A 92 -9.43 -23.11 5.12
CA LEU A 92 -8.94 -22.71 3.80
C LEU A 92 -8.29 -23.88 3.07
N MET A 93 -7.53 -24.71 3.78
CA MET A 93 -6.93 -25.86 3.12
C MET A 93 -7.98 -26.88 2.73
N GLU A 94 -9.06 -27.01 3.50
CA GLU A 94 -10.16 -27.87 3.10
C GLU A 94 -10.83 -27.36 1.84
N LEU A 95 -11.03 -26.03 1.75
CA LEU A 95 -11.62 -25.46 0.54
C LEU A 95 -10.71 -25.68 -0.66
N LEU A 96 -9.41 -25.55 -0.48
CA LEU A 96 -8.50 -25.77 -1.60
C LEU A 96 -8.48 -27.24 -2.02
N GLU A 97 -8.54 -28.17 -1.06
CA GLU A 97 -8.62 -29.57 -1.42
C GLU A 97 -9.90 -29.88 -2.17
N GLU A 98 -11.03 -29.34 -1.71
CA GLU A 98 -12.29 -29.58 -2.41
C GLU A 98 -12.25 -29.00 -3.82
N ILE A 99 -11.72 -27.79 -3.97
CA ILE A 99 -11.66 -27.18 -5.29
C ILE A 99 -10.75 -27.95 -6.23
N SER A 100 -9.61 -28.41 -5.72
CA SER A 100 -8.68 -29.16 -6.55
C SER A 100 -9.09 -30.61 -6.74
N GLU A 101 -10.10 -31.08 -6.00
CA GLU A 101 -10.68 -32.39 -6.25
C GLU A 101 -11.85 -32.33 -7.21
N ARG A 102 -12.59 -31.22 -7.22
CA ARG A 102 -13.73 -31.09 -8.12
C ARG A 102 -13.28 -31.06 -9.57
N LYS A 103 -12.13 -30.43 -9.84
CA LYS A 103 -11.59 -30.41 -11.20
C LYS A 103 -10.73 -31.63 -11.49
N GLY A 104 -10.95 -32.72 -10.77
CA GLY A 104 -10.29 -33.97 -11.07
C GLY A 104 -8.78 -33.93 -10.91
N GLY A 105 -8.31 -33.68 -9.70
CA GLY A 105 -6.88 -33.68 -9.43
C GLY A 105 -6.50 -34.91 -8.65
N PHE A 106 -5.25 -35.33 -8.81
CA PHE A 106 -4.77 -36.53 -8.13
C PHE A 106 -4.38 -36.24 -6.69
N PHE A 107 -3.44 -35.32 -6.49
CA PHE A 107 -2.94 -35.00 -5.18
C PHE A 107 -2.74 -33.50 -5.04
N VAL A 108 -2.70 -33.03 -3.80
CA VAL A 108 -2.40 -31.64 -3.48
C VAL A 108 -0.95 -31.54 -3.04
N ASP A 109 -0.21 -30.62 -3.65
CA ASP A 109 1.20 -30.42 -3.39
C ASP A 109 1.39 -29.26 -2.41
N LEU A 110 2.63 -29.11 -1.94
CA LEU A 110 2.89 -28.05 -0.98
C LEU A 110 4.39 -27.94 -0.75
N PHE A 111 4.86 -26.72 -0.48
CA PHE A 111 6.28 -26.45 -0.22
C PHE A 111 6.40 -25.77 1.13
N VAL A 112 6.75 -26.51 2.18
CA VAL A 112 6.88 -25.95 3.51
C VAL A 112 8.35 -25.99 3.90
N ARG A 113 8.93 -24.82 4.17
CA ARG A 113 10.33 -24.77 4.58
C ARG A 113 10.50 -25.50 5.91
N VAL A 114 11.50 -26.35 5.99
CA VAL A 114 11.69 -27.18 7.18
C VAL A 114 12.54 -26.35 8.15
N SER A 115 11.89 -25.38 8.78
CA SER A 115 12.44 -24.70 9.93
C SER A 115 11.37 -24.58 10.99
N ASN A 116 10.13 -24.37 10.55
CA ASN A 116 9.01 -24.14 11.45
C ASN A 116 8.26 -25.46 11.65
N GLN A 117 8.21 -25.92 12.90
CA GLN A 117 7.47 -27.12 13.20
C GLN A 117 5.97 -26.89 13.28
N VAL A 118 5.53 -25.63 13.31
CA VAL A 118 4.10 -25.34 13.36
C VAL A 118 3.43 -25.78 12.07
N ALA A 119 3.92 -25.28 10.94
CA ALA A 119 3.32 -25.62 9.65
C ALA A 119 3.49 -27.10 9.33
N VAL A 120 4.65 -27.67 9.65
CA VAL A 120 4.89 -29.08 9.33
C VAL A 120 4.01 -29.98 10.18
N ASN A 121 3.85 -29.66 11.47
CA ASN A 121 2.95 -30.43 12.31
C ASN A 121 1.48 -30.11 12.06
N MET A 122 1.19 -29.04 11.32
CA MET A 122 -0.17 -28.83 10.84
C MET A 122 -0.47 -29.70 9.63
N TYR A 123 0.49 -29.80 8.71
CA TYR A 123 0.27 -30.58 7.50
C TYR A 123 0.39 -32.08 7.75
N LYS A 124 1.20 -32.49 8.74
CA LYS A 124 1.23 -33.89 9.10
C LYS A 124 -0.05 -34.32 9.80
N GLN A 125 -0.80 -33.37 10.34
CA GLN A 125 -2.04 -33.66 11.06
C GLN A 125 -3.26 -33.58 10.15
N LEU A 126 -3.25 -32.66 9.18
CA LEU A 126 -4.35 -32.62 8.21
C LEU A 126 -4.40 -33.89 7.39
N GLY A 127 -3.26 -34.51 7.12
CA GLY A 127 -3.21 -35.74 6.38
C GLY A 127 -2.06 -35.79 5.40
N TYR A 128 -1.37 -34.66 5.24
CA TYR A 128 -0.32 -34.57 4.24
C TYR A 128 0.84 -35.46 4.63
N SER A 129 1.24 -36.35 3.72
CA SER A 129 2.45 -37.14 3.89
C SER A 129 3.64 -36.26 3.50
N VAL A 130 4.81 -36.86 3.36
CA VAL A 130 6.01 -36.12 2.97
C VAL A 130 6.56 -36.73 1.69
N TYR A 131 7.02 -35.88 0.80
CA TYR A 131 7.71 -36.23 -0.43
C TYR A 131 9.12 -35.65 -0.29
N ARG A 132 9.84 -35.59 -1.41
CA ARG A 132 11.24 -35.19 -1.42
C ARG A 132 11.51 -33.88 -0.68
N THR A 133 12.76 -33.66 -0.29
CA THR A 133 13.19 -32.47 0.44
C THR A 133 14.08 -31.65 -0.49
N VAL A 134 13.51 -30.61 -1.09
CA VAL A 134 14.28 -29.77 -1.98
C VAL A 134 15.37 -29.06 -1.19
N ILE A 135 16.60 -29.11 -1.70
CA ILE A 135 17.76 -28.58 -0.99
C ILE A 135 18.05 -27.17 -1.50
N GLU A 136 18.22 -26.24 -0.57
CA GLU A 136 18.49 -24.83 -0.89
C GLU A 136 17.39 -24.28 -1.81
N TYR A 137 16.14 -24.48 -1.40
CA TYR A 137 15.02 -24.06 -2.22
C TYR A 137 14.74 -22.58 -2.06
N TYR A 138 14.44 -22.14 -0.84
CA TYR A 138 14.17 -20.73 -0.58
C TYR A 138 15.45 -19.94 -0.80
N SER A 139 15.43 -19.03 -1.78
CA SER A 139 16.67 -18.41 -2.24
C SER A 139 17.34 -17.60 -1.14
N ALA A 140 16.68 -16.55 -0.66
CA ALA A 140 17.21 -15.69 0.38
C ALA A 140 16.16 -14.65 0.71
N SER A 141 16.47 -13.78 1.67
CA SER A 141 15.56 -12.73 2.10
C SER A 141 14.27 -13.32 2.67
N GLY A 143 21.34 -12.52 2.13
CA GLY A 143 22.45 -12.73 3.05
C GLY A 143 22.24 -13.88 4.01
N GLU A 144 21.00 -14.02 4.49
CA GLU A 144 20.67 -15.11 5.39
C GLU A 144 20.82 -16.45 4.68
N PRO A 145 20.90 -17.54 5.44
CA PRO A 145 21.05 -18.86 4.82
C PRO A 145 19.79 -19.27 4.07
N ASP A 146 19.94 -20.32 3.27
CA ASP A 146 18.82 -20.89 2.54
C ASP A 146 18.28 -22.09 3.30
N GLU A 147 16.95 -22.22 3.31
CA GLU A 147 16.29 -23.25 4.10
C GLU A 147 15.69 -24.30 3.18
N ASP A 148 16.03 -25.57 3.40
CA ASP A 148 15.48 -26.65 2.61
C ASP A 148 13.97 -26.70 2.79
N ALA A 149 13.28 -27.20 1.76
CA ALA A 149 11.82 -27.17 1.71
C ALA A 149 11.28 -28.57 1.56
N TYR A 150 10.51 -29.02 2.53
CA TYR A 150 9.75 -30.25 2.38
C TYR A 150 8.71 -30.07 1.29
N ASP A 151 8.78 -30.88 0.25
CA ASP A 151 7.69 -31.00 -0.72
C ASP A 151 6.70 -32.01 -0.17
N MET A 152 5.56 -31.55 0.31
CA MET A 152 4.55 -32.43 0.86
C MET A 152 3.47 -32.70 -0.18
N ARG A 153 2.94 -33.92 -0.16
CA ARG A 153 1.93 -34.35 -1.12
C ARG A 153 0.87 -35.13 -0.38
N LYS A 154 -0.40 -34.81 -0.65
CA LYS A 154 -1.52 -35.58 -0.11
C LYS A 154 -2.37 -36.07 -1.26
N ALA A 155 -2.44 -37.38 -1.43
CA ALA A 155 -3.26 -37.97 -2.49
C ALA A 155 -4.72 -37.96 -2.07
N LEU A 156 -5.59 -37.55 -2.99
CA LEU A 156 -7.02 -37.40 -2.69
C LEU A 156 -7.83 -37.78 -3.91
N SER A 157 -8.64 -38.82 -3.77
CA SER A 157 -9.70 -39.20 -4.72
C SER A 157 -9.17 -39.27 -6.15
N ARG A 158 -8.31 -40.27 -6.36
CA ARG A 158 -7.58 -40.45 -7.62
C ARG A 158 -8.48 -40.35 -8.83
N ASP A 159 -8.21 -39.36 -9.68
CA ASP A 159 -9.02 -39.09 -10.85
C ASP A 159 -8.18 -38.34 -11.87
N THR A 160 -8.46 -38.56 -13.14
CA THR A 160 -7.72 -37.90 -14.21
C THR A 160 -8.07 -36.43 -14.29
N ARG B 13 22.04 -23.59 -38.76
CA ARG B 13 22.08 -23.48 -37.32
C ARG B 13 22.51 -22.09 -36.88
N ARG B 14 22.54 -21.15 -37.83
CA ARG B 14 22.95 -19.79 -37.54
C ARG B 14 21.93 -19.04 -36.70
N LEU B 15 20.70 -19.54 -36.56
CA LEU B 15 19.67 -18.87 -35.80
C LEU B 15 19.56 -19.37 -34.36
N ARG B 16 20.08 -20.56 -34.07
CA ARG B 16 20.04 -21.11 -32.72
C ARG B 16 21.39 -21.07 -32.02
N PRO B 17 22.46 -21.48 -32.70
CA PRO B 17 23.79 -21.42 -32.09
C PRO B 17 24.21 -19.98 -31.83
N ILE B 18 24.15 -19.14 -32.86
CA ILE B 18 24.55 -17.75 -32.72
C ILE B 18 23.63 -16.97 -31.80
N TYR B 19 22.39 -17.43 -31.61
CA TYR B 19 21.44 -16.71 -30.77
C TYR B 19 21.47 -17.20 -29.33
N ASP B 20 21.54 -18.52 -29.13
CA ASP B 20 21.60 -19.05 -27.77
C ASP B 20 22.83 -18.55 -27.02
N TYR B 21 23.96 -18.45 -27.72
CA TYR B 21 25.14 -17.82 -27.14
C TYR B 21 25.02 -16.30 -27.12
N LEU B 22 24.06 -15.73 -27.85
CA LEU B 22 23.86 -14.29 -27.91
C LEU B 22 23.00 -13.78 -26.76
N ASP B 23 22.72 -14.61 -25.76
CA ASP B 23 21.96 -14.20 -24.58
C ASP B 23 22.56 -14.82 -23.33
N ASN B 24 23.89 -14.77 -23.19
CA ASN B 24 24.52 -15.50 -22.10
C ASN B 24 24.34 -14.78 -20.76
N GLY B 25 25.03 -13.65 -20.55
CA GLY B 25 24.57 -12.75 -19.51
C GLY B 25 24.38 -11.32 -20.00
N ASN B 26 25.49 -10.63 -20.28
CA ASN B 26 25.47 -9.29 -20.84
C ASN B 26 26.38 -9.16 -22.05
N ASN B 27 27.64 -9.59 -21.87
CA ASN B 27 28.69 -9.39 -22.86
C ASN B 27 28.93 -10.64 -23.72
N LYS B 28 28.87 -11.82 -23.13
CA LYS B 28 28.84 -13.03 -23.95
C LYS B 28 27.61 -13.05 -24.85
N MET B 29 26.53 -12.38 -24.40
CA MET B 29 25.39 -12.13 -25.27
C MET B 29 25.67 -10.99 -26.25
N ALA B 30 26.52 -10.04 -25.87
CA ALA B 30 26.80 -8.88 -26.70
C ALA B 30 28.07 -9.05 -27.53
N ILE B 31 29.15 -9.53 -26.91
CA ILE B 31 30.40 -9.73 -27.66
C ILE B 31 30.22 -10.80 -28.72
N GLN B 32 29.60 -11.93 -28.35
CA GLN B 32 29.29 -12.95 -29.35
C GLN B 32 28.33 -12.43 -30.40
N GLN B 33 27.48 -11.48 -30.03
CA GLN B 33 26.59 -10.82 -30.98
C GLN B 33 27.28 -9.68 -31.72
N ALA B 34 28.06 -8.87 -30.99
CA ALA B 34 28.83 -7.81 -31.64
C ALA B 34 29.85 -8.39 -32.61
N ASP B 35 30.40 -9.57 -32.29
CA ASP B 35 31.27 -10.28 -33.23
C ASP B 35 30.50 -10.91 -34.38
N LYS B 36 29.17 -10.95 -34.29
CA LYS B 36 28.35 -11.53 -35.34
C LYS B 36 28.16 -10.60 -36.52
N LEU B 37 28.64 -9.36 -36.43
CA LEU B 37 28.53 -8.45 -37.56
C LEU B 37 29.48 -8.85 -38.69
N LEU B 38 30.77 -8.97 -38.39
CA LEU B 38 31.74 -9.46 -39.36
C LEU B 38 31.73 -10.98 -39.51
N LYS B 39 30.91 -11.67 -38.71
CA LYS B 39 30.84 -13.12 -38.79
C LYS B 39 29.80 -13.61 -39.79
N LYS B 40 28.65 -12.94 -39.89
CA LYS B 40 27.61 -13.34 -40.81
C LYS B 40 27.09 -12.13 -41.59
N HIS B 45 22.01 -11.45 -38.64
CA HIS B 45 21.40 -11.10 -39.92
C HIS B 45 20.59 -9.82 -39.78
N CYS B 46 19.27 -9.97 -39.61
CA CYS B 46 18.37 -8.83 -39.57
C CYS B 46 18.11 -8.33 -38.16
N ALA B 47 18.52 -9.06 -37.13
CA ALA B 47 18.26 -8.68 -35.75
C ALA B 47 19.52 -8.63 -34.89
N LYS B 48 20.70 -8.63 -35.50
CA LYS B 48 21.93 -8.59 -34.71
C LYS B 48 22.03 -7.29 -33.92
N VAL B 49 21.59 -6.17 -34.50
CA VAL B 49 21.61 -4.91 -33.79
C VAL B 49 20.70 -4.96 -32.59
N LEU B 50 19.51 -5.55 -32.73
CA LEU B 50 18.59 -5.65 -31.61
C LEU B 50 19.14 -6.56 -30.53
N LYS B 51 19.74 -7.69 -30.92
CA LYS B 51 20.36 -8.58 -29.94
C LYS B 51 21.46 -7.86 -29.16
N ALA B 52 22.28 -7.08 -29.87
CA ALA B 52 23.33 -6.33 -29.19
C ALA B 52 22.79 -5.23 -28.31
N ILE B 53 21.67 -4.60 -28.69
CA ILE B 53 21.14 -3.47 -27.94
C ILE B 53 20.37 -3.92 -26.71
N GLY B 54 19.76 -5.11 -26.75
CA GLY B 54 18.99 -5.57 -25.60
C GLY B 54 19.82 -5.68 -24.33
N LEU B 55 21.12 -5.94 -24.46
CA LEU B 55 22.02 -6.04 -23.33
C LEU B 55 22.90 -4.80 -23.14
N GLN B 56 22.82 -3.83 -24.07
CA GLN B 56 23.61 -2.61 -23.98
C GLN B 56 22.70 -1.38 -23.88
N ARG B 57 21.44 -1.60 -23.52
CA ARG B 57 20.50 -0.52 -23.25
C ARG B 57 20.38 -0.27 -21.75
N THR B 58 21.48 -0.39 -21.02
CA THR B 58 21.46 -0.23 -19.57
C THR B 58 21.28 1.24 -19.18
N GLY B 59 22.23 2.08 -19.57
CA GLY B 59 22.15 3.49 -19.21
C GLY B 59 22.16 4.43 -20.38
N LYS B 60 22.72 3.98 -21.51
CA LYS B 60 22.82 4.79 -22.72
C LYS B 60 21.58 4.53 -23.58
N GLN B 61 20.77 5.56 -23.77
CA GLN B 61 19.54 5.46 -24.55
C GLN B 61 19.76 5.75 -26.03
N GLU B 62 20.63 6.70 -26.36
CA GLU B 62 20.84 7.05 -27.76
C GLU B 62 21.58 5.95 -28.51
N GLU B 63 22.63 5.38 -27.90
CA GLU B 63 23.37 4.32 -28.56
C GLU B 63 22.51 3.07 -28.77
N ALA B 64 21.48 2.89 -27.94
CA ALA B 64 20.55 1.79 -28.13
C ALA B 64 19.51 2.12 -29.19
N PHE B 65 18.96 3.33 -29.15
CA PHE B 65 17.92 3.70 -30.10
C PHE B 65 18.44 3.80 -31.52
N THR B 66 19.73 4.16 -31.69
CA THR B 66 20.31 4.28 -33.03
C THR B 66 20.26 2.96 -33.79
N LEU B 67 20.19 1.83 -33.10
CA LEU B 67 19.98 0.53 -33.73
C LEU B 67 18.55 0.03 -33.58
N ALA B 68 17.88 0.37 -32.47
CA ALA B 68 16.48 -0.04 -32.30
C ALA B 68 15.59 0.52 -33.41
N GLN B 69 15.59 1.85 -33.56
CA GLN B 69 14.80 2.46 -34.63
C GLN B 69 15.37 2.14 -36.00
N GLU B 70 16.66 1.82 -36.09
CA GLU B 70 17.24 1.46 -37.38
C GLU B 70 16.70 0.12 -37.86
N VAL B 71 16.48 -0.83 -36.93
CA VAL B 71 15.99 -2.15 -37.30
C VAL B 71 14.47 -2.25 -37.25
N ALA B 72 13.79 -1.32 -36.58
CA ALA B 72 12.33 -1.33 -36.51
C ALA B 72 11.67 -0.70 -37.72
N ALA B 73 12.39 -0.55 -38.83
CA ALA B 73 11.82 0.02 -40.04
C ALA B 73 12.24 -0.74 -41.29
N LEU B 74 12.64 -2.00 -41.15
CA LEU B 74 13.13 -2.80 -42.26
C LEU B 74 12.17 -3.93 -42.64
N GLU B 75 10.93 -3.86 -42.16
CA GLU B 75 9.96 -4.92 -42.39
C GLU B 75 10.49 -6.23 -41.81
N PRO B 76 10.58 -6.35 -40.48
CA PRO B 76 11.23 -7.54 -39.89
C PRO B 76 10.52 -8.85 -40.23
N THR B 77 9.23 -8.95 -39.95
CA THR B 77 8.40 -10.16 -40.13
C THR B 77 9.15 -11.44 -39.71
N ASP B 78 9.71 -11.40 -38.51
CA ASP B 78 10.42 -12.54 -37.94
C ASP B 78 10.08 -12.66 -36.46
N ASP B 79 9.96 -13.90 -35.99
CA ASP B 79 9.61 -14.12 -34.59
C ASP B 79 10.70 -13.60 -33.66
N ASN B 80 11.98 -13.83 -34.02
CA ASN B 80 13.07 -13.38 -33.17
C ASN B 80 13.13 -11.85 -33.09
N SER B 81 13.15 -11.18 -34.25
CA SER B 81 13.25 -9.73 -34.26
C SER B 81 12.05 -9.09 -33.60
N LEU B 82 10.84 -9.56 -33.91
CA LEU B 82 9.63 -8.98 -33.33
C LEU B 82 9.59 -9.21 -31.82
N GLN B 83 9.94 -10.42 -31.39
CA GLN B 83 9.90 -10.73 -29.96
C GLN B 83 10.97 -9.96 -29.19
N ALA B 84 12.10 -9.66 -29.81
CA ALA B 84 13.11 -8.87 -29.13
C ALA B 84 12.73 -7.40 -29.10
N LEU B 85 12.14 -6.90 -30.19
CA LEU B 85 11.74 -5.50 -30.22
C LEU B 85 10.57 -5.22 -29.29
N THR B 86 9.65 -6.17 -29.15
CA THR B 86 8.53 -5.99 -28.24
C THR B 86 8.95 -6.03 -26.77
N ILE B 87 10.17 -6.49 -26.48
CA ILE B 87 10.72 -6.38 -25.14
C ILE B 87 11.53 -5.10 -24.99
N LEU B 88 12.32 -4.75 -26.02
CA LEU B 88 13.11 -3.53 -25.95
C LEU B 88 12.21 -2.30 -25.85
N TYR B 89 11.09 -2.29 -26.57
CA TYR B 89 10.19 -1.15 -26.53
C TYR B 89 9.40 -1.09 -25.24
N ARG B 90 9.01 -2.25 -24.71
CA ARG B 90 8.24 -2.26 -23.47
C ARG B 90 9.11 -1.94 -22.26
N GLU B 91 10.41 -2.27 -22.33
CA GLU B 91 11.28 -2.02 -21.19
C GLU B 91 11.58 -0.54 -21.02
N MET B 92 11.65 0.21 -22.12
CA MET B 92 11.96 1.64 -22.07
C MET B 92 10.72 2.50 -21.83
N HIS B 93 9.61 1.89 -21.41
CA HIS B 93 8.36 2.61 -21.17
C HIS B 93 7.88 3.31 -22.44
N ARG B 94 8.09 2.65 -23.58
CA ARG B 94 7.64 3.14 -24.87
C ARG B 94 6.92 2.00 -25.58
N PRO B 95 5.66 1.74 -25.20
CA PRO B 95 4.90 0.67 -25.86
C PRO B 95 4.26 1.09 -27.17
N GLU B 96 4.13 2.39 -27.43
CA GLU B 96 3.50 2.84 -28.67
C GLU B 96 4.29 2.40 -29.90
N LEU B 97 5.61 2.26 -29.76
CA LEU B 97 6.43 1.78 -30.86
C LEU B 97 6.25 0.29 -31.13
N VAL B 98 5.53 -0.42 -30.26
CA VAL B 98 5.36 -1.86 -30.44
C VAL B 98 4.29 -2.14 -31.49
N THR B 99 3.14 -1.48 -31.37
CA THR B 99 2.03 -1.75 -32.28
C THR B 99 2.39 -1.48 -33.73
N LYS B 100 3.29 -0.52 -33.98
CA LYS B 100 3.72 -0.19 -35.33
C LYS B 100 4.58 -1.27 -35.97
N LEU B 101 4.92 -2.34 -35.25
CA LEU B 101 5.70 -3.42 -35.83
C LEU B 101 4.80 -4.46 -36.51
N TYR B 102 3.89 -5.07 -35.73
CA TYR B 102 3.13 -6.19 -36.25
C TYR B 102 2.18 -5.76 -37.37
N GLU B 103 1.57 -4.57 -37.24
CA GLU B 103 0.78 -4.07 -38.35
C GLU B 103 1.67 -3.82 -39.56
N ALA B 104 2.88 -3.31 -39.33
CA ALA B 104 3.85 -3.21 -40.41
C ALA B 104 4.20 -4.58 -40.96
N ALA B 105 4.13 -5.62 -40.14
CA ALA B 105 4.30 -6.98 -40.58
C ALA B 105 2.99 -7.61 -41.07
N VAL B 106 1.85 -6.94 -40.87
CA VAL B 106 0.57 -7.43 -41.34
C VAL B 106 0.25 -6.89 -42.73
N LYS B 107 0.58 -5.62 -42.98
CA LYS B 107 0.33 -5.03 -44.29
C LYS B 107 1.09 -5.73 -45.41
N LYS B 108 2.23 -6.34 -45.09
CA LYS B 108 2.98 -7.09 -46.09
C LYS B 108 2.42 -8.49 -46.26
N VAL B 109 2.01 -9.12 -45.16
CA VAL B 109 1.50 -10.49 -45.19
C VAL B 109 0.28 -10.57 -44.27
N PRO B 110 -0.87 -11.04 -44.76
CA PRO B 110 -2.03 -11.28 -43.87
C PRO B 110 -1.90 -12.62 -43.14
N ASN B 111 -1.15 -12.59 -42.04
CA ASN B 111 -0.89 -13.79 -41.25
C ASN B 111 -2.20 -14.37 -40.73
N SER B 112 -2.25 -15.70 -40.70
CA SER B 112 -3.46 -16.40 -40.28
C SER B 112 -3.84 -16.06 -38.84
N GLU B 113 -3.02 -16.46 -37.88
CA GLU B 113 -3.38 -16.23 -36.49
C GLU B 113 -2.29 -15.54 -35.69
N GLU B 114 -1.02 -15.86 -35.95
CA GLU B 114 0.06 -15.43 -35.07
C GLU B 114 0.20 -13.91 -35.08
N TYR B 115 0.42 -13.32 -36.25
CA TYR B 115 0.68 -11.89 -36.32
C TYR B 115 -0.55 -11.07 -35.94
N HIS B 116 -1.74 -11.53 -36.30
CA HIS B 116 -2.94 -10.79 -35.93
C HIS B 116 -3.17 -10.85 -34.42
N SER B 117 -2.95 -12.00 -33.80
CA SER B 117 -3.08 -12.10 -32.35
C SER B 117 -2.06 -11.22 -31.65
N HIS B 118 -0.82 -11.23 -32.13
CA HIS B 118 0.20 -10.36 -31.54
C HIS B 118 -0.15 -8.89 -31.73
N LEU B 119 -0.76 -8.54 -32.87
CA LEU B 119 -1.17 -7.16 -33.09
C LEU B 119 -2.27 -6.75 -32.13
N PHE B 120 -3.23 -7.64 -31.89
CA PHE B 120 -4.27 -7.35 -30.91
C PHE B 120 -3.68 -7.21 -29.52
N MET B 121 -2.70 -8.04 -29.19
CA MET B 121 -2.04 -7.92 -27.89
C MET B 121 -1.31 -6.60 -27.77
N ALA B 122 -0.64 -6.17 -28.84
CA ALA B 122 0.07 -4.90 -28.81
C ALA B 122 -0.89 -3.73 -28.67
N TYR B 123 -2.06 -3.83 -29.32
CA TYR B 123 -3.07 -2.79 -29.17
C TYR B 123 -3.56 -2.71 -27.73
N ALA B 124 -3.90 -3.86 -27.14
CA ALA B 124 -4.36 -3.89 -25.75
C ALA B 124 -3.26 -3.46 -24.78
N ARG B 125 -2.00 -3.61 -25.16
CA ARG B 125 -0.90 -3.13 -24.34
C ARG B 125 -0.80 -1.62 -24.38
N VAL B 126 -0.72 -1.05 -25.59
CA VAL B 126 -0.58 0.39 -25.75
C VAL B 126 -1.80 1.11 -25.18
N GLY B 127 -2.97 0.49 -25.23
CA GLY B 127 -4.18 1.06 -24.67
C GLY B 127 -5.23 1.47 -25.68
N GLU B 128 -4.99 1.23 -26.97
CA GLU B 128 -5.95 1.63 -28.00
C GLU B 128 -7.18 0.73 -27.97
N TYR B 129 -8.16 1.06 -27.14
CA TYR B 129 -9.33 0.21 -27.00
C TYR B 129 -10.17 0.20 -28.27
N LYS B 130 -10.50 1.39 -28.78
CA LYS B 130 -11.34 1.49 -29.98
C LYS B 130 -10.66 0.96 -31.23
N LYS B 131 -9.36 0.69 -31.19
CA LYS B 131 -8.65 0.10 -32.31
C LYS B 131 -8.45 -1.40 -32.15
N MET B 132 -8.63 -1.94 -30.95
CA MET B 132 -8.48 -3.38 -30.74
C MET B 132 -9.71 -4.15 -31.19
N GLN B 133 -10.88 -3.53 -31.16
CA GLN B 133 -12.10 -4.22 -31.57
C GLN B 133 -12.05 -4.60 -33.04
N GLN B 134 -11.58 -3.68 -33.89
CA GLN B 134 -11.50 -3.97 -35.31
C GLN B 134 -10.51 -5.09 -35.59
N ALA B 135 -9.38 -5.09 -34.88
CA ALA B 135 -8.40 -6.16 -35.06
C ALA B 135 -8.96 -7.50 -34.61
N GLY B 136 -9.69 -7.51 -33.49
CA GLY B 136 -10.29 -8.74 -33.03
C GLY B 136 -11.33 -9.27 -34.01
N MET B 137 -12.17 -8.38 -34.55
CA MET B 137 -13.16 -8.82 -35.53
C MET B 137 -12.51 -9.34 -36.79
N ALA B 138 -11.44 -8.67 -37.26
CA ALA B 138 -10.74 -9.16 -38.43
C ALA B 138 -10.13 -10.55 -38.18
N LEU B 139 -9.52 -10.73 -37.02
CA LEU B 139 -8.94 -12.02 -36.69
C LEU B 139 -10.00 -13.11 -36.57
N TYR B 140 -11.19 -12.75 -36.09
CA TYR B 140 -12.27 -13.73 -36.06
C TYR B 140 -12.75 -14.06 -37.47
N LYS B 141 -12.79 -13.07 -38.35
CA LYS B 141 -13.19 -13.33 -39.73
C LYS B 141 -12.18 -14.22 -40.45
N ILE B 142 -10.88 -14.09 -40.12
CA ILE B 142 -9.88 -14.93 -40.77
C ILE B 142 -10.09 -16.40 -40.41
N VAL B 143 -10.03 -16.71 -39.12
CA VAL B 143 -10.27 -18.07 -38.64
C VAL B 143 -11.45 -18.01 -37.68
N PRO B 144 -12.50 -18.82 -37.89
CA PRO B 144 -13.72 -18.71 -37.08
C PRO B 144 -13.63 -19.46 -35.74
N LYS B 145 -12.64 -19.10 -34.93
CA LYS B 145 -12.55 -19.66 -33.61
C LYS B 145 -13.32 -18.80 -32.61
N ASN B 146 -13.79 -19.43 -31.55
CA ASN B 146 -14.71 -18.80 -30.61
C ASN B 146 -14.05 -17.75 -29.73
N PRO B 147 -12.90 -18.01 -29.09
CA PRO B 147 -12.35 -17.02 -28.16
C PRO B 147 -11.84 -15.75 -28.80
N TYR B 148 -11.88 -15.65 -30.13
CA TYR B 148 -11.55 -14.40 -30.80
C TYR B 148 -12.75 -13.50 -31.01
N TYR B 149 -13.96 -14.06 -31.07
CA TYR B 149 -15.15 -13.25 -31.20
C TYR B 149 -15.48 -12.50 -29.92
N PHE B 150 -14.96 -12.95 -28.78
CA PHE B 150 -15.23 -12.30 -27.51
C PHE B 150 -14.12 -11.35 -27.07
N TRP B 151 -12.93 -11.47 -27.64
CA TRP B 151 -11.94 -10.41 -27.45
C TRP B 151 -12.45 -9.09 -28.01
N SER B 152 -13.17 -9.15 -29.14
CA SER B 152 -13.78 -7.94 -29.68
C SER B 152 -14.79 -7.35 -28.71
N VAL B 153 -15.61 -8.19 -28.09
CA VAL B 153 -16.61 -7.68 -27.16
C VAL B 153 -15.94 -7.11 -25.91
N MET B 154 -14.86 -7.75 -25.45
CA MET B 154 -14.17 -7.22 -24.29
C MET B 154 -13.50 -5.89 -24.61
N SER B 155 -12.99 -5.72 -25.83
CA SER B 155 -12.45 -4.42 -26.21
C SER B 155 -13.58 -3.38 -26.34
N LEU B 156 -14.74 -3.83 -26.81
CA LEU B 156 -15.89 -2.94 -26.91
C LEU B 156 -16.40 -2.49 -25.54
N ILE B 157 -16.15 -3.28 -24.50
CA ILE B 157 -16.46 -2.81 -23.15
C ILE B 157 -15.29 -2.00 -22.57
N MET B 158 -14.05 -2.31 -22.95
CA MET B 158 -12.91 -1.51 -22.52
C MET B 158 -13.05 -0.07 -23.00
N GLN B 159 -13.51 0.12 -24.24
CA GLN B 159 -13.79 1.45 -24.74
C GLN B 159 -15.18 1.93 -24.35
N SER B 160 -15.77 1.36 -23.30
CA SER B 160 -16.94 1.90 -22.66
C SER B 160 -16.77 2.17 -21.17
N ILE B 161 -15.75 1.58 -20.54
CA ILE B 161 -15.43 1.95 -19.15
C ILE B 161 -14.50 3.15 -19.09
N SER B 162 -13.84 3.52 -20.19
CA SER B 162 -12.96 4.68 -20.19
C SER B 162 -13.74 5.96 -20.40
N ALA B 163 -14.58 6.00 -21.43
CA ALA B 163 -15.37 7.19 -21.75
C ALA B 163 -16.76 7.07 -21.14
N GLN B 164 -16.78 7.05 -19.81
CA GLN B 164 -18.02 6.87 -19.07
C GLN B 164 -18.74 8.21 -18.92
N ASP B 165 -19.92 8.16 -18.30
CA ASP B 165 -20.75 9.36 -18.07
C ASP B 165 -21.09 10.03 -19.39
N GLU B 166 -21.81 9.31 -20.23
CA GLU B 166 -22.20 9.82 -21.54
C GLU B 166 -23.20 8.87 -22.16
N ASN B 167 -23.86 9.34 -23.22
CA ASN B 167 -24.77 8.49 -23.98
C ASN B 167 -24.03 7.37 -24.69
N LEU B 168 -22.75 7.59 -25.02
CA LEU B 168 -21.95 6.55 -25.65
C LEU B 168 -21.27 5.68 -24.60
N SER B 169 -22.07 5.25 -23.63
CA SER B 169 -21.71 4.20 -22.69
C SER B 169 -22.86 3.26 -22.40
N LYS B 170 -24.10 3.66 -22.64
CA LYS B 170 -25.26 2.79 -22.55
C LYS B 170 -26.13 2.85 -23.79
N THR B 171 -25.70 3.58 -24.84
CA THR B 171 -26.46 3.65 -26.08
C THR B 171 -25.61 3.47 -27.33
N MET B 172 -24.29 3.43 -27.23
CA MET B 172 -23.45 3.33 -28.42
C MET B 172 -22.44 2.20 -28.33
N PHE B 173 -22.02 1.84 -27.11
CA PHE B 173 -20.99 0.85 -26.90
C PHE B 173 -21.47 -0.41 -26.19
N LEU B 174 -22.13 -0.27 -25.06
CA LEU B 174 -22.60 -1.43 -24.32
C LEU B 174 -23.75 -2.13 -25.02
N PRO B 175 -24.77 -1.42 -25.51
CA PRO B 175 -25.83 -2.13 -26.26
C PRO B 175 -25.33 -2.81 -27.51
N LEU B 176 -24.35 -2.21 -28.20
CA LEU B 176 -23.74 -2.89 -29.34
C LEU B 176 -23.07 -4.19 -28.92
N ALA B 177 -22.38 -4.18 -27.78
CA ALA B 177 -21.74 -5.40 -27.31
C ALA B 177 -22.77 -6.44 -26.90
N GLU B 178 -23.86 -6.01 -26.27
CA GLU B 178 -24.91 -6.95 -25.89
C GLU B 178 -25.53 -7.58 -27.11
N ARG B 179 -25.74 -6.80 -28.17
CA ARG B 179 -26.27 -7.36 -29.41
C ARG B 179 -25.26 -8.29 -30.07
N MET B 180 -23.97 -7.95 -30.01
CA MET B 180 -22.94 -8.79 -30.58
C MET B 180 -22.83 -10.12 -29.85
N VAL B 181 -23.12 -10.13 -28.55
CA VAL B 181 -23.09 -11.38 -27.79
C VAL B 181 -24.38 -12.17 -28.00
N GLU B 182 -25.52 -11.50 -28.03
CA GLU B 182 -26.78 -12.19 -28.27
C GLU B 182 -26.90 -12.71 -29.69
N LYS B 183 -26.07 -12.21 -30.62
CA LYS B 183 -26.03 -12.78 -31.95
C LYS B 183 -25.43 -14.18 -31.96
N MET B 184 -24.74 -14.57 -30.88
CA MET B 184 -24.17 -15.90 -30.76
C MET B 184 -24.92 -16.78 -29.75
N VAL B 185 -25.74 -16.18 -28.89
CA VAL B 185 -26.55 -17.00 -27.99
C VAL B 185 -27.71 -17.64 -28.75
N LYS B 186 -28.17 -17.02 -29.83
CA LYS B 186 -29.16 -17.64 -30.69
C LYS B 186 -28.65 -18.96 -31.25
N GLU B 187 -27.37 -19.00 -31.60
CA GLU B 187 -26.72 -20.23 -32.01
C GLU B 187 -26.37 -21.04 -30.77
N ASP B 188 -25.56 -22.08 -30.96
CA ASP B 188 -25.04 -22.88 -29.85
C ASP B 188 -23.54 -22.75 -29.73
N LYS B 189 -23.03 -21.54 -29.91
CA LYS B 189 -21.59 -21.31 -29.93
C LYS B 189 -21.13 -20.57 -28.69
N ILE B 190 -21.75 -20.85 -27.55
CA ILE B 190 -21.43 -20.15 -26.31
C ILE B 190 -21.04 -21.16 -25.25
N GLU B 191 -20.57 -22.33 -25.68
CA GLU B 191 -20.21 -23.41 -24.75
C GLU B 191 -18.87 -23.10 -24.11
N ALA B 192 -18.93 -22.31 -23.04
CA ALA B 192 -17.76 -22.01 -22.23
C ALA B 192 -18.24 -21.36 -20.93
N GLU B 193 -17.30 -20.87 -20.14
CA GLU B 193 -17.60 -20.18 -18.90
C GLU B 193 -17.26 -18.70 -18.93
N ALA B 194 -16.10 -18.33 -19.48
CA ALA B 194 -15.78 -16.93 -19.63
C ALA B 194 -16.79 -16.21 -20.51
N GLU B 195 -17.38 -16.93 -21.47
CA GLU B 195 -18.44 -16.34 -22.28
C GLU B 195 -19.64 -15.95 -21.44
N VAL B 196 -20.09 -16.85 -20.57
CA VAL B 196 -21.24 -16.53 -19.70
C VAL B 196 -20.87 -15.44 -18.71
N GLU B 197 -19.63 -15.45 -18.23
CA GLU B 197 -19.18 -14.39 -17.32
C GLU B 197 -19.26 -13.03 -18.00
N LEU B 198 -18.73 -12.93 -19.22
CA LEU B 198 -18.75 -11.67 -19.95
C LEU B 198 -20.17 -11.26 -20.33
N TYR B 199 -21.03 -12.23 -20.66
CA TYR B 199 -22.41 -11.90 -20.98
C TYR B 199 -23.13 -11.34 -19.76
N TYR B 200 -22.91 -11.94 -18.58
CA TYR B 200 -23.51 -11.40 -17.37
C TYR B 200 -22.95 -10.02 -17.07
N MET B 201 -21.67 -9.81 -17.36
CA MET B 201 -21.07 -8.49 -17.15
C MET B 201 -21.75 -7.44 -18.01
N ILE B 202 -21.94 -7.74 -19.30
CA ILE B 202 -22.58 -6.79 -20.20
C ILE B 202 -24.04 -6.55 -19.81
N LEU B 203 -24.74 -7.61 -19.38
CA LEU B 203 -26.12 -7.42 -18.97
C LEU B 203 -26.24 -6.60 -17.70
N GLU B 204 -25.28 -6.74 -16.78
CA GLU B 204 -25.32 -5.95 -15.56
C GLU B 204 -24.93 -4.50 -15.83
N ARG B 205 -24.04 -4.27 -16.79
CA ARG B 205 -23.59 -2.91 -17.06
C ARG B 205 -24.71 -2.05 -17.62
N LEU B 206 -25.47 -2.57 -18.59
CA LEU B 206 -26.54 -1.80 -19.20
C LEU B 206 -27.62 -1.42 -18.20
N GLY B 207 -27.78 -2.22 -17.14
CA GLY B 207 -28.85 -2.03 -16.20
C GLY B 207 -29.99 -3.00 -16.35
N LYS B 208 -29.86 -4.01 -17.19
CA LYS B 208 -30.89 -5.02 -17.37
C LYS B 208 -30.71 -6.14 -16.35
N TYR B 209 -30.84 -5.77 -15.08
CA TYR B 209 -30.61 -6.73 -14.00
C TYR B 209 -31.63 -7.86 -14.03
N GLN B 210 -32.90 -7.53 -14.31
CA GLN B 210 -33.91 -8.58 -14.40
C GLN B 210 -33.66 -9.52 -15.56
N GLU B 211 -32.99 -9.04 -16.61
CA GLU B 211 -32.65 -9.88 -17.74
C GLU B 211 -31.28 -10.54 -17.60
N ALA B 212 -30.47 -10.10 -16.63
CA ALA B 212 -29.18 -10.72 -16.36
C ALA B 212 -29.28 -11.79 -15.28
N LEU B 213 -30.26 -11.67 -14.38
CA LEU B 213 -30.47 -12.72 -13.39
C LEU B 213 -30.91 -14.02 -14.04
N ASP B 214 -31.66 -13.94 -15.15
CA ASP B 214 -32.17 -15.15 -15.77
C ASP B 214 -31.11 -15.86 -16.60
N VAL B 215 -30.13 -15.13 -17.14
CA VAL B 215 -29.05 -15.80 -17.87
C VAL B 215 -28.18 -16.62 -16.94
N ILE B 216 -28.23 -16.35 -15.63
CA ILE B 216 -27.54 -17.16 -14.64
C ILE B 216 -28.45 -18.25 -14.10
N ARG B 217 -29.67 -17.88 -13.70
CA ARG B 217 -30.61 -18.83 -13.11
C ARG B 217 -31.17 -19.81 -14.12
N GLY B 218 -30.92 -19.62 -15.41
CA GLY B 218 -31.46 -20.51 -16.43
C GLY B 218 -30.57 -21.67 -16.79
N LYS B 219 -30.22 -21.78 -18.07
CA LYS B 219 -29.42 -22.90 -18.57
C LYS B 219 -27.96 -22.54 -18.76
N LEU B 220 -27.66 -21.27 -19.08
CA LEU B 220 -26.27 -20.86 -19.27
C LEU B 220 -25.53 -20.69 -17.96
N GLY B 221 -26.20 -20.86 -16.82
CA GLY B 221 -25.53 -20.79 -15.53
C GLY B 221 -24.88 -22.08 -15.10
N GLU B 222 -25.32 -23.22 -15.66
CA GLU B 222 -24.74 -24.50 -15.27
C GLU B 222 -23.27 -24.58 -15.67
N LYS B 223 -22.89 -23.90 -16.75
CA LYS B 223 -21.49 -23.87 -17.15
C LYS B 223 -20.66 -22.94 -16.29
N LEU B 224 -21.29 -22.22 -15.36
CA LEU B 224 -20.63 -21.25 -14.51
C LEU B 224 -20.19 -21.85 -13.18
N THR B 225 -20.05 -23.18 -13.12
CA THR B 225 -19.72 -23.87 -11.87
C THR B 225 -18.23 -24.21 -11.81
N SER B 226 -17.42 -23.14 -11.72
CA SER B 226 -15.99 -23.27 -11.58
C SER B 226 -15.49 -22.79 -10.22
N GLU B 227 -15.86 -21.58 -9.82
CA GLU B 227 -15.49 -21.07 -8.51
C GLU B 227 -16.33 -21.76 -7.44
N ILE B 228 -16.16 -21.36 -6.18
CA ILE B 228 -16.86 -22.03 -5.09
C ILE B 228 -18.37 -21.75 -5.16
N GLN B 229 -18.74 -20.48 -5.10
CA GLN B 229 -20.15 -20.08 -5.13
C GLN B 229 -20.36 -18.97 -6.15
N SER B 230 -19.81 -19.16 -7.35
CA SER B 230 -19.94 -18.18 -8.41
C SER B 230 -21.35 -18.07 -8.97
N ARG B 231 -22.26 -18.95 -8.57
CA ARG B 231 -23.65 -18.91 -8.98
C ARG B 231 -24.53 -18.24 -7.93
N GLU B 232 -24.44 -18.67 -6.67
CA GLU B 232 -25.19 -18.04 -5.60
C GLU B 232 -24.59 -16.72 -5.16
N ASN B 233 -23.43 -16.32 -5.69
CA ASN B 233 -22.89 -15.00 -5.45
C ASN B 233 -23.15 -14.05 -6.61
N LYS B 234 -23.57 -14.57 -7.76
CA LYS B 234 -24.00 -13.73 -8.88
C LYS B 234 -25.52 -13.63 -8.97
N CYS B 235 -26.25 -14.56 -8.35
CA CYS B 235 -27.68 -14.37 -8.19
C CYS B 235 -27.99 -13.40 -7.06
N MET B 236 -27.12 -13.34 -6.06
CA MET B 236 -27.38 -12.47 -4.91
C MET B 236 -27.26 -11.01 -5.30
N ALA B 237 -26.27 -10.66 -6.12
CA ALA B 237 -26.12 -9.27 -6.55
C ALA B 237 -27.35 -8.81 -7.31
N MET B 238 -27.90 -9.67 -8.17
CA MET B 238 -29.10 -9.31 -8.92
C MET B 238 -30.33 -9.26 -8.01
N TYR B 239 -30.43 -10.19 -7.07
CA TYR B 239 -31.55 -10.15 -6.12
C TYR B 239 -31.52 -8.89 -5.30
N LYS B 240 -30.34 -8.34 -5.03
CA LYS B 240 -30.25 -7.07 -4.32
C LYS B 240 -30.59 -5.90 -5.24
N LYS B 241 -29.96 -5.83 -6.41
CA LYS B 241 -30.14 -4.68 -7.28
C LYS B 241 -31.53 -4.60 -7.87
N LEU B 242 -32.27 -5.70 -7.91
CA LEU B 242 -33.67 -5.66 -8.33
C LEU B 242 -34.61 -5.32 -7.18
N SER B 243 -34.09 -5.17 -5.97
CA SER B 243 -34.93 -4.95 -4.79
C SER B 243 -35.90 -6.11 -4.57
N ARG B 244 -35.43 -7.32 -4.87
CA ARG B 244 -36.22 -8.54 -4.69
C ARG B 244 -35.74 -9.19 -3.40
N TRP B 245 -36.44 -8.89 -2.31
CA TRP B 245 -35.93 -9.23 -0.99
C TRP B 245 -36.12 -10.69 -0.61
N PRO B 246 -37.34 -11.25 -0.67
CA PRO B 246 -37.52 -12.63 -0.19
C PRO B 246 -36.67 -13.65 -0.91
N GLU B 247 -36.44 -13.49 -2.21
CA GLU B 247 -35.53 -14.39 -2.89
C GLU B 247 -34.08 -14.13 -2.56
N CYS B 248 -33.78 -13.10 -1.77
CA CYS B 248 -32.46 -12.90 -1.19
C CYS B 248 -32.38 -13.46 0.22
N ASN B 249 -33.45 -13.33 1.00
CA ASN B 249 -33.49 -13.93 2.33
C ASN B 249 -33.42 -15.46 2.25
N ALA B 250 -34.14 -16.05 1.29
CA ALA B 250 -34.11 -17.50 1.16
C ALA B 250 -32.71 -17.98 0.80
N LEU B 251 -32.04 -17.29 -0.11
CA LEU B 251 -30.67 -17.67 -0.46
C LEU B 251 -29.72 -17.47 0.70
N SER B 252 -29.92 -16.40 1.48
CA SER B 252 -29.08 -16.17 2.65
C SER B 252 -29.21 -17.31 3.64
N ARG B 253 -30.45 -17.72 3.96
CA ARG B 253 -30.60 -18.81 4.93
C ARG B 253 -30.14 -20.14 4.36
N ARG B 254 -30.31 -20.36 3.06
CA ARG B 254 -29.87 -21.61 2.46
C ARG B 254 -28.36 -21.69 2.36
N LEU B 255 -27.67 -20.55 2.38
CA LEU B 255 -26.21 -20.56 2.46
C LEU B 255 -25.70 -20.50 3.89
N LEU B 256 -26.52 -20.07 4.84
CA LEU B 256 -26.14 -20.14 6.24
C LEU B 256 -26.26 -21.56 6.77
N LEU B 257 -27.28 -22.29 6.32
CA LEU B 257 -27.45 -23.67 6.78
C LEU B 257 -26.29 -24.56 6.37
N LYS B 258 -25.53 -24.17 5.35
CA LYS B 258 -24.38 -24.94 4.89
C LYS B 258 -23.12 -24.62 5.70
N ASN B 259 -22.94 -23.37 6.09
CA ASN B 259 -21.76 -22.96 6.84
C ASN B 259 -22.08 -22.53 8.26
N SER B 260 -23.09 -21.69 8.46
CA SER B 260 -23.48 -21.19 9.77
C SER B 260 -22.39 -20.33 10.40
N ASP B 261 -21.44 -19.88 9.60
CA ASP B 261 -20.33 -19.05 10.07
C ASP B 261 -20.04 -17.85 9.18
N ASP B 262 -20.50 -17.84 7.93
CA ASP B 262 -20.25 -16.73 7.04
C ASP B 262 -20.92 -15.47 7.56
N TRP B 263 -20.12 -14.42 7.76
CA TRP B 263 -20.68 -13.15 8.19
C TRP B 263 -21.39 -12.45 7.05
N GLN B 264 -20.82 -12.54 5.83
CA GLN B 264 -21.40 -11.84 4.69
C GLN B 264 -22.81 -12.28 4.38
N PHE B 265 -23.24 -13.44 4.87
CA PHE B 265 -24.61 -13.88 4.69
C PHE B 265 -25.49 -13.63 5.90
N TYR B 266 -24.92 -13.60 7.11
CA TYR B 266 -25.70 -13.11 8.24
C TYR B 266 -26.13 -11.67 8.02
N LEU B 267 -25.23 -10.85 7.46
CA LEU B 267 -25.56 -9.45 7.20
C LEU B 267 -26.72 -9.34 6.22
N THR B 268 -26.64 -10.04 5.08
CA THR B 268 -27.70 -9.96 4.09
C THR B 268 -29.00 -10.58 4.61
N TYR B 269 -28.90 -11.65 5.40
CA TYR B 269 -30.09 -12.25 5.99
C TYR B 269 -30.81 -11.25 6.87
N PHE B 270 -30.08 -10.55 7.74
CA PHE B 270 -30.73 -9.58 8.61
C PHE B 270 -31.28 -8.40 7.81
N ASP B 271 -30.52 -7.91 6.83
CA ASP B 271 -31.01 -6.82 5.99
C ASP B 271 -32.32 -7.18 5.32
N SER B 272 -32.37 -8.32 4.64
CA SER B 272 -33.57 -8.77 3.96
C SER B 272 -34.72 -9.06 4.91
N VAL B 273 -34.47 -9.65 6.08
CA VAL B 273 -35.55 -9.90 7.02
C VAL B 273 -36.16 -8.61 7.53
N PHE B 274 -35.34 -7.62 7.87
CA PHE B 274 -35.92 -6.38 8.35
C PHE B 274 -36.59 -5.60 7.23
N ARG B 275 -36.09 -5.71 6.00
CA ARG B 275 -36.78 -5.05 4.90
C ARG B 275 -38.10 -5.75 4.58
N LEU B 276 -38.19 -7.06 4.81
CA LEU B 276 -39.47 -7.74 4.65
C LEU B 276 -40.44 -7.39 5.77
N ILE B 277 -39.92 -7.16 6.98
CA ILE B 277 -40.78 -6.67 8.05
C ILE B 277 -41.26 -5.26 7.73
N GLU B 278 -40.43 -4.46 7.06
CA GLU B 278 -40.82 -3.11 6.70
C GLU B 278 -41.87 -3.10 5.60
N GLU B 279 -41.66 -3.93 4.56
CA GLU B 279 -42.60 -3.99 3.44
C GLU B 279 -43.90 -4.71 3.80
N ALA B 280 -43.98 -5.36 4.96
CA ALA B 280 -45.16 -6.12 5.36
C ALA B 280 -45.41 -7.26 4.37
N TRP B 281 -44.35 -8.03 4.12
CA TRP B 281 -44.42 -9.13 3.18
C TRP B 281 -45.35 -10.23 3.70
N SER B 282 -46.06 -10.86 2.77
CA SER B 282 -46.92 -12.00 3.07
C SER B 282 -46.63 -13.11 2.09
N PRO B 283 -46.75 -14.37 2.51
CA PRO B 283 -46.36 -15.49 1.65
C PRO B 283 -47.41 -15.74 0.58
N PRO B 284 -47.04 -16.46 -0.48
CA PRO B 284 -48.04 -16.91 -1.45
C PRO B 284 -48.81 -18.12 -0.93
N ALA B 285 -49.92 -18.41 -1.60
CA ALA B 285 -50.78 -19.51 -1.18
C ALA B 285 -50.24 -20.87 -1.63
N GLU B 286 -49.58 -20.92 -2.78
CA GLU B 286 -49.10 -22.18 -3.35
C GLU B 286 -47.59 -22.12 -3.57
N GLY B 287 -46.94 -23.27 -3.43
CA GLY B 287 -45.52 -23.37 -3.68
C GLY B 287 -44.69 -22.71 -2.61
N GLU B 288 -43.38 -22.93 -2.71
CA GLU B 288 -42.46 -22.36 -1.74
C GLU B 288 -42.51 -20.83 -1.81
N HIS B 289 -42.18 -20.20 -0.69
CA HIS B 289 -42.45 -18.79 -0.45
C HIS B 289 -41.82 -17.87 -1.48
N SER B 290 -40.69 -18.27 -2.05
CA SER B 290 -40.04 -17.48 -3.10
C SER B 290 -39.35 -18.44 -4.05
N LEU B 291 -38.51 -17.89 -4.94
CA LEU B 291 -37.81 -18.73 -5.90
C LEU B 291 -36.77 -19.64 -5.24
N GLU B 292 -36.35 -19.32 -4.01
CA GLU B 292 -35.42 -20.16 -3.28
C GLU B 292 -36.07 -20.92 -2.13
N GLY B 293 -37.28 -20.53 -1.73
CA GLY B 293 -38.04 -21.30 -0.77
C GLY B 293 -37.74 -21.02 0.69
N GLU B 294 -38.78 -21.10 1.53
CA GLU B 294 -38.64 -20.94 2.98
C GLU B 294 -38.06 -19.57 3.34
N VAL B 295 -38.84 -18.55 3.04
CA VAL B 295 -38.48 -17.17 3.37
C VAL B 295 -39.02 -16.82 4.75
N HIS B 296 -38.19 -16.15 5.54
CA HIS B 296 -38.56 -15.71 6.88
C HIS B 296 -39.19 -14.33 6.84
N TYR B 297 -40.14 -14.10 7.74
CA TYR B 297 -40.94 -12.89 7.73
C TYR B 297 -40.59 -11.90 8.84
N SER B 298 -40.66 -12.33 10.08
CA SER B 298 -40.65 -11.40 11.21
C SER B 298 -39.52 -11.79 12.16
N ALA B 299 -39.50 -11.11 13.31
CA ALA B 299 -38.44 -11.36 14.29
C ALA B 299 -38.53 -12.78 14.84
N GLU B 300 -39.76 -13.27 15.06
CA GLU B 300 -39.93 -14.63 15.58
C GLU B 300 -39.31 -15.66 14.65
N LYS B 301 -39.65 -15.60 13.36
CA LYS B 301 -39.03 -16.50 12.39
C LYS B 301 -37.56 -16.15 12.16
N ALA B 302 -37.13 -14.95 12.57
CA ALA B 302 -35.73 -14.57 12.45
C ALA B 302 -34.95 -14.76 13.74
N VAL B 303 -35.63 -14.86 14.87
CA VAL B 303 -34.97 -15.15 16.13
C VAL B 303 -34.86 -16.65 16.37
N LYS B 304 -35.87 -17.42 15.96
CA LYS B 304 -35.79 -18.87 16.10
C LYS B 304 -34.66 -19.44 15.27
N PHE B 305 -34.42 -18.86 14.09
CA PHE B 305 -33.34 -19.34 13.25
C PHE B 305 -31.98 -19.12 13.90
N ILE B 306 -31.77 -17.97 14.52
CA ILE B 306 -30.49 -17.70 15.16
C ILE B 306 -30.32 -18.55 16.42
N GLU B 307 -31.38 -18.64 17.24
CA GLU B 307 -31.32 -19.48 18.43
C GLU B 307 -31.25 -20.96 18.10
N ASP B 308 -31.54 -21.35 16.85
CA ASP B 308 -31.29 -22.71 16.41
C ASP B 308 -29.88 -22.90 15.85
N ARG B 309 -29.35 -21.87 15.17
CA ARG B 309 -27.96 -21.95 14.72
C ARG B 309 -27.02 -22.07 15.91
N ILE B 310 -27.27 -21.32 16.98
CA ILE B 310 -26.43 -21.39 18.17
C ILE B 310 -26.47 -22.79 18.75
N THR B 311 -27.66 -23.39 18.85
CA THR B 311 -27.78 -24.72 19.42
C THR B 311 -27.10 -25.75 18.54
N GLU B 312 -27.32 -25.68 17.23
CA GLU B 312 -26.72 -26.66 16.33
C GLU B 312 -25.20 -26.55 16.33
N GLU B 313 -24.66 -25.34 16.49
CA GLU B 313 -23.22 -25.19 16.63
C GLU B 313 -22.74 -25.66 17.99
N SER B 314 -23.61 -25.67 19.00
CA SER B 314 -23.21 -26.12 20.33
C SER B 314 -22.89 -27.61 20.37
N LYS B 315 -23.31 -28.38 19.37
CA LYS B 315 -23.11 -29.82 19.33
C LYS B 315 -22.04 -30.21 18.31
N SER B 316 -20.99 -29.40 18.21
CA SER B 316 -19.88 -29.69 17.31
C SER B 316 -18.56 -29.55 18.06
N SER B 317 -17.51 -30.11 17.47
CA SER B 317 -16.17 -30.07 18.05
C SER B 317 -15.30 -29.01 17.37
N ARG B 318 -15.89 -27.90 16.94
CA ARG B 318 -15.15 -26.84 16.28
C ARG B 318 -15.27 -25.48 16.96
N HIS B 319 -16.33 -25.24 17.71
CA HIS B 319 -16.51 -23.98 18.45
C HIS B 319 -16.51 -22.78 17.50
N LEU B 320 -17.56 -22.75 16.67
CA LEU B 320 -17.75 -21.63 15.76
C LEU B 320 -18.10 -20.37 16.53
N ARG B 321 -17.61 -19.23 16.04
CA ARG B 321 -17.97 -17.93 16.58
C ARG B 321 -18.93 -17.18 15.69
N GLY B 322 -19.62 -17.88 14.80
CA GLY B 322 -20.59 -17.28 13.92
C GLY B 322 -21.86 -16.91 14.64
N PRO B 323 -22.59 -17.93 15.13
CA PRO B 323 -23.89 -17.65 15.76
C PRO B 323 -23.81 -16.76 16.98
N HIS B 324 -22.72 -16.83 17.76
CA HIS B 324 -22.62 -15.98 18.95
C HIS B 324 -22.49 -14.51 18.57
N LEU B 325 -21.88 -14.22 17.43
CA LEU B 325 -21.87 -12.85 16.94
C LEU B 325 -23.16 -12.49 16.23
N ALA B 326 -23.81 -13.47 15.61
CA ALA B 326 -25.06 -13.20 14.93
C ALA B 326 -26.14 -12.80 15.92
N LYS B 327 -26.17 -13.43 17.10
CA LYS B 327 -27.18 -13.05 18.07
C LYS B 327 -26.99 -11.62 18.55
N LEU B 328 -25.73 -11.18 18.67
CA LEU B 328 -25.49 -9.78 19.07
C LEU B 328 -25.84 -8.83 17.94
N GLU B 329 -25.52 -9.21 16.69
CA GLU B 329 -25.95 -8.39 15.55
C GLU B 329 -27.46 -8.25 15.52
N LEU B 330 -28.18 -9.33 15.80
CA LEU B 330 -29.63 -9.27 15.80
C LEU B 330 -30.17 -8.45 16.97
N ILE B 331 -29.55 -8.56 18.14
CA ILE B 331 -29.99 -7.77 19.29
C ILE B 331 -29.64 -6.30 19.12
N ARG B 332 -28.70 -5.99 18.24
CA ARG B 332 -28.49 -4.60 17.84
C ARG B 332 -29.56 -4.13 16.87
N ARG B 333 -29.82 -4.93 15.83
CA ARG B 333 -30.73 -4.45 14.78
C ARG B 333 -32.17 -4.38 15.26
N LEU B 334 -32.60 -5.34 16.09
CA LEU B 334 -33.93 -5.24 16.68
C LEU B 334 -34.05 -4.00 17.56
N ARG B 335 -33.02 -3.71 18.34
CA ARG B 335 -33.03 -2.51 19.16
C ARG B 335 -32.99 -1.24 18.33
N SER B 336 -32.47 -1.31 17.10
CA SER B 336 -32.44 -0.14 16.24
C SER B 336 -33.81 0.24 15.68
N GLN B 337 -34.82 -0.63 15.84
CA GLN B 337 -36.18 -0.31 15.41
C GLN B 337 -37.14 -0.23 16.59
N GLY B 338 -37.25 -1.29 17.39
CA GLY B 338 -38.07 -1.27 18.58
C GLY B 338 -37.37 -1.92 19.75
N CYS B 339 -37.12 -1.14 20.81
CA CYS B 339 -36.35 -1.63 21.95
C CYS B 339 -37.22 -2.14 23.09
N ASN B 340 -38.47 -1.69 23.19
CA ASN B 340 -39.32 -2.11 24.30
C ASN B 340 -39.84 -3.53 24.14
N ASP B 341 -39.74 -4.11 22.95
CA ASP B 341 -40.24 -5.44 22.65
C ASP B 341 -39.05 -6.38 22.47
N GLU B 342 -38.62 -6.99 23.56
CA GLU B 342 -37.57 -8.00 23.54
C GLU B 342 -38.16 -9.36 23.90
N TYR B 343 -37.82 -10.38 23.12
CA TYR B 343 -38.47 -11.67 23.34
C TYR B 343 -37.65 -12.58 24.24
N LYS B 344 -36.50 -13.05 23.76
CA LYS B 344 -35.67 -13.92 24.58
C LYS B 344 -34.16 -13.74 24.36
N LEU B 345 -33.73 -12.75 23.59
CA LEU B 345 -32.31 -12.67 23.25
C LEU B 345 -31.45 -12.37 24.46
N GLY B 346 -31.97 -11.63 25.43
CA GLY B 346 -31.24 -11.34 26.65
C GLY B 346 -30.42 -10.06 26.57
N ASP B 347 -29.94 -9.65 27.73
CA ASP B 347 -29.15 -8.42 27.81
C ASP B 347 -27.86 -8.58 27.02
N PRO B 348 -27.43 -7.55 26.29
CA PRO B 348 -26.15 -7.65 25.58
C PRO B 348 -24.96 -7.78 26.51
N GLU B 349 -25.07 -7.34 27.76
CA GLU B 349 -23.98 -7.52 28.70
C GLU B 349 -23.75 -9.00 28.99
N GLU B 350 -24.81 -9.74 29.28
CA GLU B 350 -24.66 -11.16 29.55
C GLU B 350 -24.19 -11.92 28.31
N LEU B 351 -24.66 -11.50 27.13
CA LEU B 351 -24.21 -12.14 25.91
C LEU B 351 -22.72 -11.91 25.69
N MET B 352 -22.25 -10.68 25.90
CA MET B 352 -20.81 -10.42 25.74
C MET B 352 -20.00 -11.13 26.80
N PHE B 353 -20.53 -11.25 28.03
CA PHE B 353 -19.82 -11.96 29.07
C PHE B 353 -19.71 -13.44 28.74
N GLN B 354 -20.76 -14.05 28.22
CA GLN B 354 -20.68 -15.46 27.85
C GLN B 354 -19.80 -15.66 26.62
N TYR B 355 -19.80 -14.70 25.68
CA TYR B 355 -18.90 -14.80 24.54
C TYR B 355 -17.46 -14.72 24.99
N PHE B 356 -17.16 -13.87 25.97
CA PHE B 356 -15.81 -13.83 26.53
C PHE B 356 -15.48 -15.13 27.26
N LYS B 357 -16.45 -15.69 27.98
CA LYS B 357 -16.23 -16.93 28.69
C LYS B 357 -15.88 -18.06 27.72
N LYS B 358 -16.55 -18.10 26.57
CA LYS B 358 -16.27 -19.15 25.60
C LYS B 358 -14.99 -18.87 24.81
N PHE B 359 -14.99 -17.79 24.03
CA PHE B 359 -13.84 -17.43 23.20
C PHE B 359 -12.95 -16.41 23.90
N GLY B 360 -12.53 -16.70 25.13
CA GLY B 360 -11.67 -15.79 25.84
C GLY B 360 -10.20 -16.03 25.59
N ASP B 361 -9.82 -17.30 25.54
CA ASP B 361 -8.42 -17.69 25.39
C ASP B 361 -7.91 -17.58 23.97
N LYS B 362 -8.66 -16.97 23.07
CA LYS B 362 -8.22 -16.79 21.70
C LYS B 362 -7.78 -15.36 21.47
N PRO B 363 -6.87 -15.14 20.52
CA PRO B 363 -6.41 -13.77 20.26
C PRO B 363 -7.46 -12.86 19.64
N CYS B 364 -8.56 -13.43 19.14
CA CYS B 364 -9.59 -12.67 18.43
C CYS B 364 -10.84 -12.46 19.27
N CYS B 365 -10.71 -12.41 20.59
CA CYS B 365 -11.86 -12.11 21.43
C CYS B 365 -12.11 -10.61 21.52
N PHE B 366 -11.10 -9.79 21.26
CA PHE B 366 -11.29 -8.35 21.31
C PHE B 366 -11.90 -7.82 20.01
N THR B 367 -11.28 -8.14 18.87
CA THR B 367 -11.74 -7.64 17.58
C THR B 367 -13.12 -8.18 17.19
N ASP B 368 -13.70 -9.08 17.96
CA ASP B 368 -15.10 -9.47 17.80
C ASP B 368 -16.02 -8.80 18.81
N LEU B 369 -15.51 -8.52 20.01
CA LEU B 369 -16.30 -7.78 21.00
C LEU B 369 -16.21 -6.28 20.79
N LYS B 370 -15.27 -5.82 19.97
CA LYS B 370 -15.14 -4.38 19.72
C LYS B 370 -16.37 -3.85 19.01
N VAL B 371 -16.73 -4.46 17.87
CA VAL B 371 -17.78 -3.90 17.00
C VAL B 371 -19.12 -3.86 17.70
N PHE B 372 -19.33 -4.73 18.69
CA PHE B 372 -20.60 -4.79 19.41
C PHE B 372 -20.55 -4.04 20.73
N VAL B 373 -19.42 -3.42 21.08
CA VAL B 373 -19.29 -2.78 22.38
C VAL B 373 -20.22 -1.59 22.55
N ASP B 374 -20.79 -1.07 21.45
CA ASP B 374 -21.77 -0.01 21.55
C ASP B 374 -23.04 -0.48 22.25
N LEU B 375 -23.30 -1.79 22.26
CA LEU B 375 -24.50 -2.30 22.91
C LEU B 375 -24.51 -2.04 24.41
N LEU B 376 -23.35 -1.84 25.03
CA LEU B 376 -23.31 -1.61 26.46
C LEU B 376 -24.04 -0.31 26.80
N PRO B 377 -24.54 -0.18 28.02
CA PRO B 377 -25.33 1.02 28.37
C PRO B 377 -24.51 2.29 28.55
N ALA B 378 -23.21 2.23 28.27
CA ALA B 378 -22.29 3.37 28.31
C ALA B 378 -21.98 3.86 29.72
N THR B 379 -22.62 3.30 30.76
CA THR B 379 -22.30 3.62 32.13
C THR B 379 -21.80 2.42 32.93
N GLN B 380 -22.15 1.21 32.52
CA GLN B 380 -21.70 0.00 33.18
C GLN B 380 -20.41 -0.55 32.58
N CYS B 381 -19.61 0.30 31.93
CA CYS B 381 -18.33 -0.15 31.42
C CYS B 381 -17.30 -0.38 32.51
N THR B 382 -17.59 0.03 33.75
CA THR B 382 -16.72 -0.28 34.88
C THR B 382 -17.24 -1.44 35.71
N LYS B 383 -18.47 -1.89 35.48
CA LYS B 383 -18.98 -3.10 36.10
C LYS B 383 -18.83 -4.31 35.19
N PHE B 384 -18.93 -4.10 33.88
CA PHE B 384 -18.72 -5.19 32.94
C PHE B 384 -17.29 -5.72 33.01
N ILE B 385 -16.32 -4.82 33.18
CA ILE B 385 -14.93 -5.26 33.30
C ILE B 385 -14.70 -5.99 34.61
N ASN B 386 -15.28 -5.49 35.70
CA ASN B 386 -15.16 -6.19 36.97
C ASN B 386 -15.86 -7.54 36.95
N GLN B 387 -16.88 -7.70 36.10
CA GLN B 387 -17.51 -9.00 35.95
C GLN B 387 -16.66 -9.94 35.10
N LEU B 388 -16.01 -9.41 34.06
CA LEU B 388 -15.12 -10.24 33.25
C LEU B 388 -13.90 -10.68 34.05
N LEU B 389 -13.40 -9.84 34.95
CA LEU B 389 -12.20 -10.20 35.71
C LEU B 389 -12.47 -11.27 36.75
N GLY B 390 -13.72 -11.61 37.03
CA GLY B 390 -14.03 -12.61 38.02
C GLY B 390 -13.85 -14.05 37.57
N VAL B 391 -13.79 -14.29 36.25
CA VAL B 391 -13.71 -15.64 35.73
C VAL B 391 -12.30 -16.06 35.34
N VAL B 392 -11.37 -15.11 35.20
CA VAL B 392 -10.01 -15.48 34.80
C VAL B 392 -9.34 -16.21 35.96
N PRO B 393 -8.71 -17.35 35.73
CA PRO B 393 -8.03 -18.06 36.82
C PRO B 393 -6.74 -17.39 37.24
N LEU B 394 -6.85 -16.35 38.07
CA LEU B 394 -5.69 -15.63 38.59
C LEU B 394 -5.31 -16.14 39.97
N SER B 395 -4.05 -15.89 40.35
CA SER B 395 -3.52 -16.35 41.61
C SER B 395 -3.99 -15.44 42.75
N THR B 396 -3.39 -15.59 43.92
CA THR B 396 -3.76 -14.78 45.08
C THR B 396 -3.09 -13.42 45.00
N PRO B 397 -3.84 -12.33 45.22
CA PRO B 397 -3.27 -10.99 45.01
C PRO B 397 -2.22 -10.61 46.04
N THR B 398 -2.56 -10.73 47.31
CA THR B 398 -1.78 -10.11 48.38
C THR B 398 -0.66 -11.02 48.88
N GLU B 399 0.16 -11.54 47.97
CA GLU B 399 1.41 -12.19 48.36
C GLU B 399 2.56 -11.18 48.24
N ASP B 400 2.35 -10.00 48.82
CA ASP B 400 3.26 -8.86 48.70
C ASP B 400 3.63 -8.59 47.23
N LYS B 401 2.69 -8.85 46.32
CA LYS B 401 2.97 -8.80 44.90
C LYS B 401 1.65 -8.64 44.17
N LEU B 402 1.67 -8.87 42.86
CA LEU B 402 0.51 -8.71 41.99
C LEU B 402 -0.16 -10.05 41.75
N ALA B 403 -1.41 -10.00 41.31
CA ALA B 403 -2.19 -11.20 41.03
C ALA B 403 -1.92 -11.62 39.58
N LEU B 404 -1.22 -12.74 39.41
CA LEU B 404 -0.70 -13.12 38.11
C LEU B 404 -1.36 -14.40 37.61
N PRO B 405 -1.44 -14.58 36.29
CA PRO B 405 -2.06 -15.79 35.74
C PRO B 405 -1.22 -17.03 36.01
N ALA B 406 -1.70 -18.19 35.56
CA ALA B 406 -1.00 -19.45 35.79
C ALA B 406 -0.73 -20.26 34.52
N ASP B 407 -1.55 -20.15 33.49
CA ASP B 407 -1.37 -20.87 32.25
C ASP B 407 -1.18 -19.88 31.10
N ILE B 408 -1.10 -20.40 29.88
CA ILE B 408 -1.12 -19.52 28.71
C ILE B 408 -2.55 -19.18 28.29
N ARG B 409 -3.54 -19.93 28.77
CA ARG B 409 -4.92 -19.60 28.51
C ARG B 409 -5.43 -18.52 29.46
N ALA B 410 -5.14 -18.65 30.74
CA ALA B 410 -5.54 -17.65 31.73
C ALA B 410 -4.72 -16.38 31.66
N LEU B 411 -3.68 -16.36 30.83
CA LEU B 411 -2.97 -15.12 30.53
C LEU B 411 -3.60 -14.38 29.36
N GLN B 412 -3.99 -15.10 28.32
CA GLN B 412 -4.70 -14.44 27.23
C GLN B 412 -6.09 -13.97 27.66
N GLN B 413 -6.74 -14.74 28.55
CA GLN B 413 -8.03 -14.31 29.06
C GLN B 413 -7.93 -13.04 29.89
N HIS B 414 -6.75 -12.72 30.43
CA HIS B 414 -6.57 -11.46 31.12
C HIS B 414 -6.05 -10.36 30.22
N LEU B 415 -5.24 -10.71 29.22
CA LEU B 415 -4.83 -9.73 28.24
C LEU B 415 -6.02 -9.15 27.50
N CYS B 416 -7.02 -10.00 27.22
CA CYS B 416 -8.24 -9.50 26.60
C CYS B 416 -9.01 -8.59 27.56
N VAL B 417 -8.97 -8.87 28.85
CA VAL B 417 -9.67 -8.01 29.81
C VAL B 417 -8.99 -6.66 29.90
N VAL B 418 -7.65 -6.63 29.84
CA VAL B 418 -6.94 -5.36 29.83
C VAL B 418 -7.25 -4.58 28.55
N GLN B 419 -7.29 -5.26 27.41
CA GLN B 419 -7.62 -4.59 26.16
C GLN B 419 -9.04 -4.02 26.20
N LEU B 420 -9.98 -4.76 26.78
CA LEU B 420 -11.35 -4.26 26.87
C LEU B 420 -11.46 -3.11 27.85
N THR B 421 -10.71 -3.14 28.96
CA THR B 421 -10.66 -1.99 29.86
C THR B 421 -10.07 -0.78 29.16
N ARG B 422 -9.15 -1.00 28.22
CA ARG B 422 -8.63 0.11 27.44
C ARG B 422 -9.69 0.68 26.52
N LEU B 423 -10.39 -0.19 25.79
CA LEU B 423 -11.34 0.28 24.79
C LEU B 423 -12.59 0.89 25.40
N LEU B 424 -13.02 0.42 26.57
CA LEU B 424 -14.21 0.98 27.18
C LEU B 424 -14.00 2.39 27.71
N GLY B 425 -12.77 2.89 27.72
CA GLY B 425 -12.51 4.23 28.20
C GLY B 425 -12.29 4.28 29.70
N LEU B 426 -11.31 3.50 30.18
CA LEU B 426 -10.94 3.53 31.58
C LEU B 426 -9.47 3.83 31.82
N TYR B 427 -8.62 3.70 30.80
CA TYR B 427 -7.24 4.18 30.88
C TYR B 427 -7.09 5.58 30.35
N HIS B 428 -8.20 6.28 30.09
CA HIS B 428 -8.18 7.66 29.65
C HIS B 428 -8.88 8.59 30.64
N THR B 429 -9.30 8.07 31.79
CA THR B 429 -9.84 8.89 32.87
C THR B 429 -8.84 9.14 33.98
N MET B 430 -7.88 8.24 34.16
CA MET B 430 -6.83 8.43 35.15
C MET B 430 -5.99 9.66 34.81
N ASP B 431 -5.31 10.20 35.83
CA ASP B 431 -4.60 11.47 35.72
C ASP B 431 -3.13 11.31 36.12
N LYS B 432 -2.31 10.84 35.18
CA LYS B 432 -0.85 10.93 35.23
C LYS B 432 -0.19 10.20 36.40
N ASN B 433 -0.96 9.64 37.30
CA ASN B 433 -0.39 8.82 38.36
C ASN B 433 -1.00 7.43 38.38
N GLN B 434 -2.32 7.33 38.28
CA GLN B 434 -2.93 6.03 37.99
C GLN B 434 -2.51 5.56 36.61
N LYS B 435 -2.34 6.48 35.66
CA LYS B 435 -1.90 6.15 34.32
C LYS B 435 -0.42 5.82 34.24
N LEU B 436 0.30 5.84 35.37
CA LEU B 436 1.64 5.27 35.46
C LEU B 436 1.71 4.04 36.34
N SER B 437 0.85 3.96 37.37
CA SER B 437 0.67 2.70 38.08
C SER B 437 0.20 1.62 37.11
N VAL B 438 -0.64 1.99 36.14
CA VAL B 438 -1.08 1.03 35.14
C VAL B 438 0.09 0.54 34.29
N VAL B 439 1.00 1.44 33.94
CA VAL B 439 2.15 1.03 33.15
C VAL B 439 3.07 0.14 33.98
N ARG B 440 3.22 0.44 35.26
CA ARG B 440 4.02 -0.42 36.13
C ARG B 440 3.42 -1.81 36.22
N GLU B 441 2.09 -1.90 36.38
CA GLU B 441 1.44 -3.20 36.45
C GLU B 441 1.57 -3.96 35.13
N LEU B 442 1.37 -3.26 34.00
CA LEU B 442 1.47 -3.92 32.71
C LEU B 442 2.91 -4.22 32.31
N MET B 443 3.89 -3.68 33.02
CA MET B 443 5.25 -4.14 32.83
C MET B 443 5.58 -5.33 33.72
N LEU B 444 5.03 -5.37 34.93
CA LEU B 444 5.17 -6.56 35.75
C LEU B 444 4.54 -7.76 35.07
N ARG B 445 3.34 -7.57 34.50
CA ARG B 445 2.68 -8.67 33.80
C ARG B 445 3.48 -9.12 32.58
N TYR B 446 4.09 -8.17 31.87
CA TYR B 446 4.90 -8.55 30.72
C TYR B 446 6.13 -9.33 31.15
N GLN B 447 6.80 -8.88 32.22
CA GLN B 447 7.99 -9.57 32.69
C GLN B 447 7.65 -10.96 33.21
N HIS B 448 6.45 -11.14 33.78
CA HIS B 448 6.07 -12.47 34.23
C HIS B 448 5.62 -13.35 33.07
N GLY B 449 5.02 -12.77 32.04
CA GLY B 449 4.55 -13.53 30.90
C GLY B 449 5.64 -14.09 30.01
N LEU B 450 6.91 -13.89 30.36
CA LEU B 450 8.01 -14.47 29.61
C LEU B 450 8.44 -15.82 30.15
N GLU B 451 8.00 -16.18 31.36
CA GLU B 451 8.22 -17.55 31.84
C GLU B 451 7.54 -18.55 30.92
N PHE B 452 6.31 -18.27 30.51
CA PHE B 452 5.67 -19.04 29.46
C PHE B 452 6.29 -18.70 28.12
N GLY B 453 6.16 -19.61 27.17
CA GLY B 453 6.71 -19.37 25.85
C GLY B 453 8.20 -19.16 25.83
N LYS B 454 8.93 -19.81 26.73
CA LYS B 454 10.38 -19.67 26.76
C LYS B 454 11.05 -20.37 25.59
N THR B 455 10.38 -21.33 24.96
CA THR B 455 10.95 -22.12 23.88
C THR B 455 10.33 -21.80 22.52
N CYS B 456 10.03 -20.53 22.27
CA CYS B 456 9.49 -20.12 20.99
C CYS B 456 10.59 -20.11 19.93
N LEU B 457 10.18 -20.35 18.68
CA LEU B 457 11.12 -20.58 17.59
C LEU B 457 11.67 -19.30 16.98
N LYS B 458 11.53 -18.15 17.65
CA LYS B 458 12.07 -16.87 17.20
C LYS B 458 11.27 -16.27 16.06
N THR B 459 10.31 -17.03 15.51
CA THR B 459 9.37 -16.50 14.54
C THR B 459 7.95 -16.47 15.09
N GLU B 460 7.74 -16.93 16.31
CA GLU B 460 6.46 -16.85 16.98
C GLU B 460 6.52 -15.79 18.07
N LEU B 461 5.53 -14.92 18.08
CA LEU B 461 5.46 -13.86 19.07
C LEU B 461 5.35 -14.46 20.47
N GLN B 462 5.94 -13.78 21.44
CA GLN B 462 5.75 -14.20 22.81
C GLN B 462 4.27 -14.09 23.18
N PHE B 463 3.88 -14.80 24.23
CA PHE B 463 2.47 -14.83 24.59
C PHE B 463 2.02 -13.59 25.35
N SER B 464 2.94 -12.67 25.66
CA SER B 464 2.60 -11.48 26.42
C SER B 464 3.23 -10.24 25.81
N ASP B 465 3.41 -10.23 24.49
CA ASP B 465 3.92 -9.02 23.85
C ASP B 465 2.91 -7.89 23.92
N TYR B 466 1.62 -8.20 23.88
CA TYR B 466 0.62 -7.14 23.91
C TYR B 466 0.40 -6.60 25.30
N TYR B 467 1.19 -7.04 26.28
CA TYR B 467 1.31 -6.36 27.55
C TYR B 467 2.32 -5.22 27.50
N CYS B 468 3.21 -5.24 26.52
CA CYS B 468 4.16 -4.15 26.34
C CYS B 468 3.55 -3.03 25.50
N LEU B 469 2.81 -3.38 24.46
CA LEU B 469 2.14 -2.36 23.66
C LEU B 469 1.12 -1.60 24.49
N LEU B 470 0.43 -2.27 25.40
CA LEU B 470 -0.48 -1.57 26.29
C LEU B 470 0.25 -0.77 27.35
N ALA B 471 1.55 -1.00 27.53
CA ALA B 471 2.37 -0.18 28.40
C ALA B 471 3.20 0.83 27.62
N VAL B 472 2.98 0.92 26.31
CA VAL B 472 3.55 1.96 25.48
C VAL B 472 2.49 2.93 25.00
N HIS B 473 1.29 2.43 24.71
CA HIS B 473 0.17 3.31 24.39
C HIS B 473 -0.29 4.11 25.60
N ALA B 474 0.12 3.74 26.80
CA ALA B 474 -0.19 4.52 28.00
C ALA B 474 0.97 5.39 28.45
N LEU B 475 2.16 5.20 27.89
CA LEU B 475 3.26 6.12 28.10
C LEU B 475 3.28 7.24 27.07
N ILE B 476 3.05 6.90 25.80
CA ILE B 476 2.94 7.93 24.79
C ILE B 476 1.73 8.81 25.04
N ASP B 477 0.67 8.24 25.62
CA ASP B 477 -0.48 9.05 25.98
C ASP B 477 -0.12 10.09 27.03
N VAL B 478 0.60 9.69 28.07
CA VAL B 478 1.02 10.66 29.08
C VAL B 478 1.98 11.69 28.48
N TRP B 479 2.86 11.26 27.58
CA TRP B 479 3.78 12.20 26.95
C TRP B 479 3.04 13.22 26.10
N ARG B 480 1.96 12.82 25.44
CA ARG B 480 1.20 13.74 24.60
C ARG B 480 0.21 14.57 25.39
N GLU B 481 -0.15 14.16 26.60
CA GLU B 481 -1.09 14.93 27.41
C GLU B 481 -0.41 15.73 28.52
N THR B 482 0.90 15.59 28.70
CA THR B 482 1.61 16.45 29.64
C THR B 482 2.93 17.00 29.11
N GLY B 483 3.44 16.52 27.98
CA GLY B 483 4.73 16.97 27.50
C GLY B 483 5.87 16.63 28.44
N ASP B 484 5.82 15.44 29.04
CA ASP B 484 6.78 15.09 30.08
C ASP B 484 8.19 14.93 29.52
N GLU B 485 8.33 14.16 28.44
CA GLU B 485 9.60 13.89 27.77
C GLU B 485 10.48 12.92 28.56
N THR B 486 10.06 12.56 29.77
CA THR B 486 10.72 11.51 30.53
C THR B 486 10.03 10.16 30.37
N THR B 487 8.93 10.12 29.62
CA THR B 487 8.23 8.87 29.33
C THR B 487 8.49 8.35 27.93
N VAL B 488 8.93 9.21 27.00
CA VAL B 488 9.30 8.72 25.68
C VAL B 488 10.49 7.77 25.79
N TRP B 489 11.45 8.08 26.67
CA TRP B 489 12.59 7.19 26.85
C TRP B 489 12.15 5.88 27.49
N GLN B 490 11.21 5.94 28.43
CA GLN B 490 10.71 4.71 29.03
C GLN B 490 10.00 3.84 28.00
N ALA B 491 9.18 4.46 27.15
CA ALA B 491 8.51 3.70 26.09
C ALA B 491 9.51 3.13 25.12
N LEU B 492 10.58 3.86 24.82
CA LEU B 492 11.58 3.35 23.89
C LEU B 492 12.33 2.17 24.50
N THR B 493 12.69 2.22 25.78
CA THR B 493 13.33 1.07 26.40
C THR B 493 12.39 -0.12 26.46
N LEU B 494 11.10 0.12 26.72
CA LEU B 494 10.13 -0.97 26.72
C LEU B 494 10.05 -1.64 25.36
N LEU B 495 9.96 -0.84 24.30
CA LEU B 495 9.88 -1.42 22.97
C LEU B 495 11.18 -2.13 22.59
N GLU B 496 12.33 -1.60 23.02
CA GLU B 496 13.58 -2.27 22.69
C GLU B 496 13.72 -3.60 23.41
N GLU B 497 13.29 -3.65 24.68
CA GLU B 497 13.28 -4.92 25.39
C GLU B 497 12.33 -5.92 24.74
N GLY B 498 11.10 -5.49 24.46
CA GLY B 498 10.14 -6.37 23.83
C GLY B 498 10.54 -6.81 22.44
N LEU B 499 11.37 -6.02 21.75
CA LEU B 499 11.83 -6.37 20.42
C LEU B 499 13.13 -7.17 20.44
N THR B 500 13.84 -7.19 21.56
CA THR B 500 14.96 -8.11 21.69
C THR B 500 14.52 -9.46 22.24
N HIS B 501 13.37 -9.53 22.91
CA HIS B 501 12.90 -10.82 23.40
C HIS B 501 12.15 -11.60 22.32
N SER B 502 11.25 -10.94 21.58
CA SER B 502 10.50 -11.55 20.49
C SER B 502 10.81 -10.79 19.22
N PRO B 503 11.94 -11.07 18.57
CA PRO B 503 12.41 -10.18 17.50
C PRO B 503 11.73 -10.43 16.16
N SER B 504 10.42 -10.61 16.17
CA SER B 504 9.65 -10.71 14.95
C SER B 504 8.31 -10.02 15.05
N ASN B 505 8.00 -9.39 16.17
CA ASN B 505 6.80 -8.59 16.28
C ASN B 505 6.94 -7.38 15.38
N ALA B 506 5.99 -7.20 14.47
CA ALA B 506 6.03 -6.05 13.59
C ALA B 506 5.42 -4.81 14.21
N GLN B 507 4.57 -4.97 15.23
CA GLN B 507 4.05 -3.80 15.93
C GLN B 507 5.15 -3.07 16.67
N PHE B 508 6.09 -3.81 17.27
CA PHE B 508 7.21 -3.17 17.94
C PHE B 508 8.07 -2.40 16.95
N LYS B 509 8.31 -2.97 15.77
CA LYS B 509 9.15 -2.27 14.80
C LYS B 509 8.43 -1.04 14.25
N LEU B 510 7.12 -1.13 14.01
CA LEU B 510 6.40 0.04 13.53
C LEU B 510 6.36 1.14 14.58
N LEU B 511 6.12 0.79 15.84
CA LEU B 511 6.10 1.81 16.88
C LEU B 511 7.49 2.39 17.13
N LEU B 512 8.54 1.58 17.00
CA LEU B 512 9.88 2.15 17.15
C LEU B 512 10.20 3.08 15.99
N VAL B 513 9.78 2.73 14.78
CA VAL B 513 9.93 3.64 13.66
C VAL B 513 9.25 4.97 13.96
N ARG B 514 8.00 4.91 14.42
CA ARG B 514 7.25 6.13 14.69
C ARG B 514 7.88 6.95 15.80
N ILE B 515 8.30 6.31 16.88
CA ILE B 515 8.81 7.06 18.03
C ILE B 515 10.18 7.64 17.74
N TYR B 516 11.06 6.86 17.08
CA TYR B 516 12.34 7.41 16.68
C TYR B 516 12.18 8.57 15.71
N CYS B 517 11.22 8.48 14.78
CA CYS B 517 11.01 9.61 13.90
C CYS B 517 10.50 10.83 14.66
N MET B 518 9.56 10.62 15.59
CA MET B 518 9.03 11.74 16.36
C MET B 518 10.02 12.28 17.38
N LEU B 519 11.14 11.60 17.62
CA LEU B 519 12.19 12.14 18.45
C LEU B 519 13.27 12.85 17.63
N GLY B 520 13.33 12.60 16.33
CA GLY B 520 14.32 13.21 15.48
C GLY B 520 15.39 12.27 14.96
N ALA B 521 15.45 11.05 15.48
CA ALA B 521 16.43 10.08 15.02
C ALA B 521 15.84 9.25 13.89
N PHE B 522 16.63 9.07 12.84
CA PHE B 522 16.15 8.34 11.68
C PHE B 522 16.98 7.12 11.30
N GLU B 523 18.27 7.06 11.65
CA GLU B 523 19.09 5.91 11.29
C GLU B 523 18.52 4.60 11.83
N PRO B 524 18.19 4.48 13.10
CA PRO B 524 17.50 3.26 13.57
C PRO B 524 16.19 3.02 12.85
N VAL B 525 15.54 4.07 12.33
CA VAL B 525 14.30 3.85 11.60
C VAL B 525 14.54 3.09 10.31
N VAL B 526 15.61 3.43 9.58
CA VAL B 526 15.87 2.67 8.37
C VAL B 526 16.37 1.28 8.73
N ASP B 527 17.13 1.15 9.81
CA ASP B 527 17.57 -0.19 10.20
C ASP B 527 16.42 -1.07 10.67
N LEU B 528 15.32 -0.48 11.16
CA LEU B 528 14.15 -1.26 11.56
C LEU B 528 13.18 -1.50 10.43
N TYR B 529 13.08 -0.58 9.47
CA TYR B 529 12.24 -0.81 8.32
C TYR B 529 12.86 -1.78 7.32
N SER B 530 14.18 -1.91 7.31
CA SER B 530 14.79 -2.98 6.53
C SER B 530 14.63 -4.34 7.22
N SER B 531 14.28 -4.35 8.50
CA SER B 531 14.12 -5.61 9.22
C SER B 531 12.76 -6.25 8.90
N LEU B 532 11.67 -5.57 9.24
CA LEU B 532 10.36 -6.03 8.78
C LEU B 532 10.37 -5.94 7.26
N ASP B 533 10.37 -7.09 6.60
CA ASP B 533 10.65 -7.09 5.17
C ASP B 533 9.49 -6.47 4.40
N ALA B 534 9.58 -5.17 4.13
CA ALA B 534 8.55 -4.47 3.36
C ALA B 534 8.91 -4.62 1.90
N LYS B 535 8.30 -5.60 1.24
CA LYS B 535 8.52 -5.86 -0.17
C LYS B 535 7.45 -5.14 -0.98
N HIS B 536 7.35 -5.52 -2.26
CA HIS B 536 6.83 -4.68 -3.33
C HIS B 536 5.58 -3.86 -3.00
N ILE B 537 4.45 -4.50 -2.78
CA ILE B 537 3.21 -3.75 -2.63
C ILE B 537 3.24 -2.98 -1.32
N GLN B 538 3.99 -3.49 -0.34
CA GLN B 538 4.15 -2.80 0.93
C GLN B 538 4.73 -1.41 0.73
N HIS B 539 5.53 -1.21 -0.33
CA HIS B 539 6.13 0.08 -0.61
C HIS B 539 5.09 1.17 -0.86
N ASP B 540 3.83 0.80 -1.08
CA ASP B 540 2.80 1.81 -1.23
C ASP B 540 1.99 2.03 0.04
N THR B 541 1.96 1.05 0.96
CA THR B 541 1.11 1.14 2.13
C THR B 541 1.88 1.22 3.45
N ILE B 542 3.18 0.96 3.45
CA ILE B 542 4.00 1.13 4.63
C ILE B 542 5.22 2.01 4.39
N GLY B 543 5.66 2.19 3.15
CA GLY B 543 6.81 3.01 2.88
C GLY B 543 6.61 4.50 3.12
N TYR B 544 5.37 4.94 3.37
CA TYR B 544 5.18 6.35 3.65
C TYR B 544 5.85 6.76 4.95
N LEU B 545 5.94 5.83 5.92
CA LEU B 545 6.65 6.10 7.16
C LEU B 545 8.11 6.46 6.90
N LEU B 546 8.69 5.95 5.82
CA LEU B 546 10.07 6.26 5.46
C LEU B 546 10.16 7.49 4.57
N THR B 547 9.27 7.64 3.59
CA THR B 547 9.37 8.80 2.71
C THR B 547 9.05 10.09 3.44
N ARG B 548 8.20 10.05 4.47
CA ARG B 548 7.82 11.27 5.15
C ARG B 548 8.98 11.83 5.97
N TYR B 549 9.80 10.95 6.55
CA TYR B 549 10.85 11.37 7.48
C TYR B 549 12.25 11.23 6.92
N ALA B 550 12.42 10.72 5.70
CA ALA B 550 13.77 10.47 5.20
C ALA B 550 14.52 11.78 5.00
N GLU B 551 14.04 12.64 4.11
CA GLU B 551 14.70 13.89 3.79
C GLU B 551 14.29 15.01 4.73
N SER B 552 13.35 14.76 5.64
CA SER B 552 12.95 15.78 6.59
C SER B 552 13.96 15.95 7.73
N LEU B 553 14.59 14.86 8.14
CA LEU B 553 15.53 14.86 9.25
C LEU B 553 16.97 14.93 8.81
N GLY B 554 17.21 15.26 7.54
CA GLY B 554 18.56 15.46 7.07
C GLY B 554 19.29 14.24 6.56
N GLN B 555 18.68 13.06 6.63
CA GLN B 555 19.31 11.86 6.09
C GLN B 555 19.05 11.82 4.59
N TYR B 556 20.06 12.16 3.80
CA TYR B 556 19.91 12.22 2.36
C TYR B 556 20.20 10.89 1.68
N ALA B 557 21.13 10.10 2.20
CA ALA B 557 21.39 8.79 1.62
C ALA B 557 20.21 7.85 1.81
N ALA B 558 19.68 7.78 3.03
CA ALA B 558 18.51 6.94 3.27
C ALA B 558 17.30 7.43 2.49
N ALA B 559 17.15 8.74 2.37
CA ALA B 559 16.04 9.28 1.59
C ALA B 559 16.18 8.91 0.12
N SER B 560 17.40 8.99 -0.41
CA SER B 560 17.62 8.60 -1.80
C SER B 560 17.30 7.13 -2.02
N GLN B 561 17.72 6.27 -1.08
CA GLN B 561 17.44 4.85 -1.25
C GLN B 561 15.95 4.56 -1.16
N SER B 562 15.25 5.21 -0.23
CA SER B 562 13.81 4.98 -0.10
C SER B 562 13.06 5.43 -1.35
N CYS B 563 13.41 6.63 -1.86
CA CYS B 563 12.78 7.11 -3.08
C CYS B 563 13.09 6.19 -4.26
N ASN B 564 14.32 5.68 -4.33
CA ASN B 564 14.68 4.77 -5.43
C ASN B 564 13.88 3.49 -5.36
N PHE B 565 13.73 2.90 -4.18
CA PHE B 565 12.96 1.67 -4.05
C PHE B 565 11.51 1.89 -4.42
N ALA B 566 10.89 2.94 -3.89
CA ALA B 566 9.49 3.20 -4.21
C ALA B 566 9.29 3.45 -5.70
N LEU B 567 10.17 4.24 -6.31
CA LEU B 567 10.03 4.51 -7.74
C LEU B 567 10.20 3.24 -8.57
N ARG B 568 11.16 2.40 -8.19
CA ARG B 568 11.32 1.13 -8.90
C ARG B 568 10.06 0.30 -8.82
N PHE B 569 9.45 0.21 -7.63
CA PHE B 569 8.21 -0.55 -7.52
C PHE B 569 7.11 0.05 -8.39
N PHE B 570 6.97 1.36 -8.40
CA PHE B 570 5.83 1.94 -9.11
C PHE B 570 5.99 1.82 -10.62
N HIS B 571 7.21 1.95 -11.13
CA HIS B 571 7.42 1.80 -12.57
C HIS B 571 7.26 0.35 -13.00
N SER B 572 7.82 -0.59 -12.22
CA SER B 572 7.55 -2.00 -12.48
C SER B 572 6.05 -2.29 -12.40
N ASN B 573 5.33 -1.58 -11.53
CA ASN B 573 3.89 -1.71 -11.47
C ASN B 573 3.25 -1.36 -12.80
N GLN B 574 3.56 -0.18 -13.33
CA GLN B 574 3.01 0.25 -14.61
C GLN B 574 3.20 -0.83 -15.68
N LYS B 575 4.46 -1.21 -15.91
CA LYS B 575 4.74 -2.16 -16.98
C LYS B 575 4.09 -3.52 -16.73
N ASP B 576 4.28 -4.08 -15.53
CA ASP B 576 3.85 -5.44 -15.26
C ASP B 576 2.33 -5.56 -15.21
N THR B 577 1.63 -4.56 -14.68
CA THR B 577 0.18 -4.65 -14.67
C THR B 577 -0.40 -4.44 -16.06
N SER B 578 0.26 -3.64 -16.92
CA SER B 578 -0.20 -3.60 -18.31
C SER B 578 -0.05 -4.97 -18.97
N GLU B 579 1.08 -5.64 -18.73
CA GLU B 579 1.26 -6.97 -19.32
C GLU B 579 0.25 -7.98 -18.78
N TYR B 580 -0.04 -7.94 -17.48
CA TYR B 580 -0.97 -8.90 -16.92
C TYR B 580 -2.42 -8.49 -17.08
N ILE B 581 -2.69 -7.33 -17.66
CA ILE B 581 -4.01 -7.07 -18.22
C ILE B 581 -4.10 -7.59 -19.66
N ILE B 582 -2.98 -7.57 -20.39
CA ILE B 582 -2.93 -8.33 -21.65
C ILE B 582 -3.24 -9.79 -21.40
N GLN B 583 -2.64 -10.36 -20.35
CA GLN B 583 -2.70 -11.79 -20.09
C GLN B 583 -3.94 -12.22 -19.33
N ALA B 584 -5.00 -11.41 -19.33
CA ALA B 584 -6.29 -11.84 -18.80
C ALA B 584 -7.29 -12.16 -19.89
N TYR B 585 -6.93 -11.93 -21.15
CA TYR B 585 -7.69 -12.42 -22.29
C TYR B 585 -7.32 -13.86 -22.61
N LYS B 586 -6.02 -14.17 -22.60
CA LYS B 586 -5.56 -15.49 -22.99
C LYS B 586 -6.13 -16.58 -22.10
N TYR B 587 -6.30 -16.30 -20.82
CA TYR B 587 -6.87 -17.26 -19.88
C TYR B 587 -8.36 -17.03 -19.66
N GLY B 588 -8.99 -16.21 -20.49
CA GLY B 588 -10.43 -16.00 -20.44
C GLY B 588 -10.94 -15.49 -19.11
N ALA B 589 -10.41 -14.37 -18.63
CA ALA B 589 -10.89 -13.83 -17.37
C ALA B 589 -12.18 -13.03 -17.59
N PHE B 590 -12.09 -11.92 -18.31
CA PHE B 590 -13.26 -11.15 -18.73
C PHE B 590 -14.09 -10.57 -17.59
N GLU B 591 -13.65 -10.78 -16.35
CA GLU B 591 -14.31 -10.23 -15.18
C GLU B 591 -13.31 -9.60 -14.23
N LYS B 592 -12.02 -9.81 -14.44
CA LYS B 592 -10.96 -9.13 -13.73
C LYS B 592 -10.40 -7.95 -14.50
N ILE B 593 -10.72 -7.83 -15.79
CA ILE B 593 -10.17 -6.74 -16.60
C ILE B 593 -10.61 -5.38 -16.07
N PRO B 594 -11.90 -5.14 -15.79
CA PRO B 594 -12.25 -3.92 -15.05
C PRO B 594 -11.55 -3.83 -13.71
N GLU B 595 -11.39 -4.95 -13.00
CA GLU B 595 -10.68 -4.92 -11.72
C GLU B 595 -9.21 -4.63 -11.90
N PHE B 596 -8.56 -5.24 -12.89
CA PHE B 596 -7.15 -4.94 -13.11
C PHE B 596 -6.93 -3.50 -13.54
N ILE B 597 -7.85 -2.96 -14.34
CA ILE B 597 -7.74 -1.56 -14.73
C ILE B 597 -7.92 -0.64 -13.52
N ALA B 598 -8.91 -0.93 -12.67
CA ALA B 598 -9.10 -0.12 -11.47
C ALA B 598 -7.90 -0.21 -10.56
N PHE B 599 -7.27 -1.39 -10.48
CA PHE B 599 -6.09 -1.54 -9.63
C PHE B 599 -4.92 -0.75 -10.19
N ARG B 600 -4.68 -0.84 -11.50
CA ARG B 600 -3.56 -0.11 -12.08
C ARG B 600 -3.78 1.40 -11.96
N ASN B 601 -5.02 1.86 -12.08
CA ASN B 601 -5.28 3.27 -11.89
C ASN B 601 -5.12 3.69 -10.44
N ARG B 602 -5.53 2.84 -9.49
CA ARG B 602 -5.34 3.14 -8.08
C ARG B 602 -3.87 3.12 -7.69
N LEU B 603 -3.03 2.45 -8.46
CA LEU B 603 -1.60 2.42 -8.18
C LEU B 603 -0.79 3.46 -8.94
N ASN B 604 -1.31 3.99 -10.04
CA ASN B 604 -0.66 5.13 -10.68
C ASN B 604 -1.14 6.47 -10.13
N ASN B 605 -2.36 6.52 -9.62
CA ASN B 605 -2.90 7.73 -9.01
C ASN B 605 -2.66 7.80 -7.52
N SER B 606 -1.67 7.06 -7.03
CA SER B 606 -1.46 6.98 -5.59
C SER B 606 -0.86 8.28 -5.07
N LEU B 607 -1.24 8.62 -3.84
CA LEU B 607 -0.70 9.83 -3.23
C LEU B 607 0.77 9.67 -2.88
N HIS B 608 1.22 8.43 -2.70
CA HIS B 608 2.62 8.21 -2.34
C HIS B 608 3.52 8.23 -3.57
N PHE B 609 3.00 7.88 -4.73
CA PHE B 609 3.79 7.97 -5.95
C PHE B 609 4.15 9.41 -6.26
N ALA B 610 3.20 10.32 -6.13
CA ALA B 610 3.48 11.72 -6.41
C ALA B 610 4.51 12.28 -5.43
N GLN B 611 4.37 11.94 -4.15
CA GLN B 611 5.33 12.39 -3.16
C GLN B 611 6.72 11.85 -3.45
N VAL B 612 6.81 10.57 -3.80
CA VAL B 612 8.13 9.99 -4.08
C VAL B 612 8.74 10.62 -5.32
N ARG B 613 7.93 10.89 -6.35
CA ARG B 613 8.45 11.55 -7.56
C ARG B 613 9.01 12.92 -7.25
N THR B 614 8.22 13.78 -6.59
CA THR B 614 8.68 15.14 -6.36
C THR B 614 9.85 15.16 -5.39
N GLU B 615 9.84 14.30 -4.36
CA GLU B 615 10.98 14.25 -3.46
C GLU B 615 12.23 13.73 -4.15
N ARG B 616 12.10 12.77 -5.07
CA ARG B 616 13.26 12.30 -5.79
C ARG B 616 13.83 13.38 -6.68
N MET B 617 12.97 14.12 -7.36
CA MET B 617 13.46 15.19 -8.22
C MET B 617 14.15 16.28 -7.41
N LEU B 618 13.56 16.68 -6.28
CA LEU B 618 14.19 17.71 -5.47
C LEU B 618 15.45 17.22 -4.79
N LEU B 619 15.53 15.94 -4.44
CA LEU B 619 16.76 15.40 -3.88
C LEU B 619 17.87 15.41 -4.92
N ASP B 620 17.57 14.95 -6.13
CA ASP B 620 18.55 15.02 -7.21
C ASP B 620 19.02 16.45 -7.42
N LEU B 621 18.08 17.39 -7.44
CA LEU B 621 18.43 18.79 -7.63
C LEU B 621 19.36 19.27 -6.52
N LEU B 622 18.90 19.28 -5.28
CA LEU B 622 19.68 19.88 -4.21
C LEU B 622 20.82 18.99 -3.73
N LEU B 623 21.08 17.86 -4.38
CA LEU B 623 22.31 17.12 -4.11
C LEU B 623 23.33 17.23 -5.23
N GLU B 624 22.91 17.31 -6.49
CA GLU B 624 23.86 17.35 -7.60
C GLU B 624 23.44 18.36 -8.65
N ALA B 625 23.02 19.55 -8.22
CA ALA B 625 22.65 20.62 -9.13
C ALA B 625 23.43 21.87 -8.75
N ASN B 626 24.26 22.35 -9.68
CA ASN B 626 25.20 23.44 -9.45
C ASN B 626 26.34 23.03 -8.53
N ILE B 627 26.50 21.74 -8.29
CA ILE B 627 27.57 21.21 -7.46
C ILE B 627 28.48 20.36 -8.32
N SER B 628 27.92 19.30 -8.91
CA SER B 628 28.66 18.44 -9.83
C SER B 628 28.01 18.41 -11.20
N THR B 629 26.97 19.22 -11.42
CA THR B 629 26.28 19.29 -12.69
C THR B 629 25.51 20.62 -12.74
N SER B 630 25.52 21.26 -13.90
CA SER B 630 24.79 22.52 -14.05
C SER B 630 23.31 22.28 -13.86
N LEU B 631 22.60 23.33 -13.46
CA LEU B 631 21.17 23.18 -13.22
C LEU B 631 20.41 22.87 -14.50
N ALA B 632 20.83 23.44 -15.63
CA ALA B 632 20.16 23.16 -16.89
C ALA B 632 20.40 21.70 -17.30
N GLU B 633 21.64 21.23 -17.18
CA GLU B 633 21.94 19.86 -17.54
C GLU B 633 21.32 18.85 -16.58
N SER B 634 21.00 19.27 -15.36
CA SER B 634 20.32 18.40 -14.42
C SER B 634 18.80 18.49 -14.51
N ILE B 635 18.28 19.53 -15.17
CA ILE B 635 16.85 19.57 -15.45
C ILE B 635 16.54 18.85 -16.75
N LYS B 636 17.45 18.91 -17.73
CA LYS B 636 17.23 18.19 -18.98
C LYS B 636 17.20 16.69 -18.76
N SER B 637 18.03 16.19 -17.86
CA SER B 637 18.10 14.76 -17.58
C SER B 637 16.93 14.26 -16.74
N MET B 638 16.00 15.13 -16.36
CA MET B 638 14.81 14.73 -15.63
C MET B 638 13.53 15.06 -16.37
N ASN B 639 13.62 15.70 -17.55
CA ASN B 639 12.47 15.98 -18.39
C ASN B 639 11.46 16.88 -17.66
N LEU B 640 11.96 17.97 -17.10
CA LEU B 640 11.16 18.90 -16.32
C LEU B 640 10.94 20.17 -17.12
N ARG B 641 9.68 20.59 -17.20
CA ARG B 641 9.30 21.87 -17.76
C ARG B 641 8.31 22.55 -16.84
N PRO B 642 8.31 23.87 -16.77
CA PRO B 642 7.47 24.55 -15.79
C PRO B 642 6.01 24.69 -16.24
N GLU B 643 5.62 23.94 -17.26
CA GLU B 643 4.28 24.05 -17.82
C GLU B 643 3.51 22.75 -17.87
N GLU B 644 4.07 21.65 -17.35
CA GLU B 644 3.39 20.37 -17.37
C GLU B 644 3.72 19.61 -16.09
N ASP B 645 2.68 19.23 -15.35
CA ASP B 645 2.83 18.44 -14.13
C ASP B 645 2.18 17.08 -14.36
N ASP B 646 2.98 16.03 -14.21
CA ASP B 646 2.46 14.66 -14.31
C ASP B 646 1.89 14.19 -12.98
N ILE B 647 0.95 14.96 -12.44
CA ILE B 647 0.29 14.63 -11.19
C ILE B 647 -1.20 14.76 -11.40
N PRO B 648 -2.02 13.79 -10.97
CA PRO B 648 -3.46 13.86 -11.26
C PRO B 648 -4.16 15.05 -10.62
N TRP B 649 -4.03 15.21 -9.30
CA TRP B 649 -4.62 16.33 -8.55
C TRP B 649 -6.12 16.20 -8.38
N GLU B 650 -6.74 15.22 -9.03
CA GLU B 650 -8.18 15.08 -8.98
C GLU B 650 -8.55 13.65 -8.62
N ASP B 651 -7.69 12.72 -9.03
CA ASP B 651 -7.82 11.31 -8.68
C ASP B 651 -6.69 10.88 -7.75
N LEU B 652 -6.27 11.76 -6.86
CA LEU B 652 -5.20 11.42 -5.93
C LEU B 652 -5.74 10.50 -4.85
N ARG B 653 -5.05 9.39 -4.63
CA ARG B 653 -5.64 8.23 -3.97
C ARG B 653 -5.52 8.25 -2.45
N ASP B 654 -4.30 8.34 -1.93
CA ASP B 654 -4.05 8.16 -0.50
C ASP B 654 -4.50 6.76 -0.07
N ASN B 655 -3.78 5.77 -0.59
CA ASN B 655 -4.01 4.37 -0.24
C ASN B 655 -3.02 3.88 0.82
N ARG B 656 -2.42 4.80 1.57
CA ARG B 656 -1.66 4.43 2.76
C ARG B 656 -2.55 3.67 3.74
N ASP B 657 -1.92 2.85 4.58
CA ASP B 657 -2.70 1.91 5.38
C ASP B 657 -3.41 2.61 6.53
N LEU B 658 -2.65 3.21 7.45
CA LEU B 658 -3.17 4.00 8.57
C LEU B 658 -3.82 3.14 9.65
N ASN B 659 -3.96 1.84 9.40
CA ASN B 659 -4.50 0.91 10.39
C ASN B 659 -3.57 -0.27 10.59
N VAL B 660 -2.30 -0.12 10.22
CA VAL B 660 -1.32 -1.17 10.47
C VAL B 660 -0.90 -1.20 11.93
N PHE B 661 -1.14 -0.12 12.68
CA PHE B 661 -0.86 -0.06 14.10
C PHE B 661 -2.07 -0.59 14.87
N PHE B 662 -1.81 -1.50 15.80
CA PHE B 662 -2.88 -1.96 16.69
C PHE B 662 -3.20 -0.86 17.69
N SER B 663 -4.44 -0.42 17.71
CA SER B 663 -4.87 0.65 18.60
C SER B 663 -6.11 0.19 19.35
N TRP B 664 -5.96 0.02 20.66
CA TRP B 664 -7.06 -0.37 21.52
C TRP B 664 -7.79 0.84 22.10
N ASP B 665 -7.65 2.01 21.47
CA ASP B 665 -8.26 3.23 21.97
C ASP B 665 -9.79 3.15 21.87
N PRO B 666 -10.51 3.96 22.64
CA PRO B 666 -11.95 3.78 22.83
C PRO B 666 -12.83 4.18 21.65
N LYS B 667 -12.45 3.74 20.46
CA LYS B 667 -13.34 3.69 19.29
C LYS B 667 -13.87 5.05 18.83
N ASP B 668 -13.46 6.14 19.47
CA ASP B 668 -13.88 7.48 19.08
C ASP B 668 -12.71 8.44 19.08
N ARG B 669 -11.50 7.97 19.37
CA ARG B 669 -10.32 8.83 19.35
C ARG B 669 -9.11 8.11 18.78
N ASP B 670 -9.31 7.15 17.88
CA ASP B 670 -8.18 6.46 17.26
C ASP B 670 -7.97 6.88 15.81
N VAL B 671 -8.93 6.66 14.92
CA VAL B 671 -8.93 7.26 13.60
C VAL B 671 -10.38 7.42 13.13
N SER B 672 -10.83 8.66 13.00
CA SER B 672 -12.14 8.89 12.41
C SER B 672 -12.02 8.80 10.89
N GLU B 673 -13.09 9.15 10.19
CA GLU B 673 -12.97 9.36 8.76
C GLU B 673 -12.61 10.81 8.45
N GLU B 674 -13.01 11.73 9.33
CA GLU B 674 -12.59 13.11 9.19
C GLU B 674 -11.09 13.24 9.29
N HIS B 675 -10.45 12.40 10.11
CA HIS B 675 -9.00 12.47 10.24
C HIS B 675 -8.31 12.01 8.97
N LYS B 676 -8.80 10.94 8.35
CA LYS B 676 -8.22 10.49 7.08
C LYS B 676 -8.44 11.54 5.99
N LYS B 677 -9.62 12.15 5.96
CA LYS B 677 -9.89 13.18 4.97
C LYS B 677 -8.97 14.38 5.16
N LEU B 678 -8.82 14.84 6.40
CA LEU B 678 -7.93 15.98 6.67
C LEU B 678 -6.49 15.64 6.38
N SER B 679 -6.07 14.41 6.66
CA SER B 679 -4.71 14.02 6.34
C SER B 679 -4.47 14.03 4.85
N LEU B 680 -5.41 13.51 4.07
CA LEU B 680 -5.26 13.55 2.62
C LEU B 680 -5.23 14.99 2.12
N GLU B 681 -6.06 15.86 2.71
CA GLU B 681 -6.08 17.26 2.27
C GLU B 681 -4.76 17.95 2.57
N GLU B 682 -4.20 17.72 3.77
CA GLU B 682 -2.92 18.33 4.11
C GLU B 682 -1.79 17.77 3.27
N GLU B 683 -1.82 16.47 2.97
CA GLU B 683 -0.82 15.89 2.09
C GLU B 683 -0.92 16.49 0.70
N THR B 684 -2.14 16.71 0.19
CA THR B 684 -2.30 17.33 -1.11
C THR B 684 -1.80 18.77 -1.10
N LEU B 685 -2.06 19.52 -0.03
CA LEU B 685 -1.59 20.90 0.05
C LEU B 685 -0.07 20.95 0.04
N TRP B 686 0.58 20.14 0.88
CA TRP B 686 2.04 20.19 0.91
C TRP B 686 2.64 19.65 -0.37
N LEU B 687 2.00 18.66 -0.99
CA LEU B 687 2.50 18.17 -2.27
C LEU B 687 2.35 19.23 -3.35
N ARG B 688 1.29 20.03 -3.30
CA ARG B 688 1.16 21.12 -4.26
C ARG B 688 2.24 22.16 -4.05
N ILE B 689 2.54 22.48 -2.79
CA ILE B 689 3.64 23.42 -2.50
C ILE B 689 4.95 22.89 -3.05
N ARG B 690 5.24 21.62 -2.80
CA ARG B 690 6.51 21.04 -3.20
C ARG B 690 6.62 20.94 -4.72
N SER B 691 5.53 20.55 -5.39
CA SER B 691 5.56 20.45 -6.84
C SER B 691 5.68 21.82 -7.50
N LEU B 692 5.00 22.83 -6.95
CA LEU B 692 5.12 24.18 -7.50
C LEU B 692 6.52 24.72 -7.31
N THR B 693 7.14 24.46 -6.15
CA THR B 693 8.52 24.88 -5.96
C THR B 693 9.43 24.20 -6.96
N LEU B 694 9.23 22.91 -7.21
CA LEU B 694 10.07 22.20 -8.18
C LEU B 694 9.90 22.77 -9.58
N ARG B 695 8.65 23.01 -9.98
CA ARG B 695 8.41 23.51 -11.34
C ARG B 695 8.93 24.93 -11.51
N LEU B 696 8.80 25.77 -10.48
CA LEU B 696 9.39 27.10 -10.55
C LEU B 696 10.91 27.02 -10.66
N ILE B 697 11.54 26.12 -9.89
CA ILE B 697 12.98 25.98 -9.96
C ILE B 697 13.41 25.48 -11.33
N SER B 698 12.56 24.72 -12.01
CA SER B 698 12.90 24.16 -13.30
C SER B 698 12.73 25.15 -14.45
N GLY B 699 12.57 26.44 -14.18
CA GLY B 699 12.45 27.42 -15.24
C GLY B 699 13.64 28.37 -15.30
N LEU B 700 14.35 28.48 -14.17
CA LEU B 700 15.55 29.31 -14.14
C LEU B 700 16.56 28.93 -15.21
N PRO B 701 16.85 27.67 -15.46
CA PRO B 701 17.47 27.31 -16.74
C PRO B 701 16.43 27.44 -17.83
N SER B 702 16.84 27.97 -18.97
CA SER B 702 16.01 28.31 -20.12
C SER B 702 15.21 29.58 -19.90
N LEU B 703 15.23 30.19 -18.71
CA LEU B 703 14.76 31.57 -18.61
C LEU B 703 15.73 32.55 -19.24
N ASN B 704 16.98 32.14 -19.48
CA ASN B 704 17.98 32.98 -20.11
C ASN B 704 18.33 32.41 -21.49
N HIS B 705 18.54 33.30 -22.45
CA HIS B 705 18.83 32.88 -23.82
C HIS B 705 19.79 33.85 -24.50
N ARG B 723 10.06 31.28 -21.14
CA ARG B 723 9.38 32.57 -21.05
C ARG B 723 8.92 32.82 -19.62
N ILE B 724 8.86 34.11 -19.24
CA ILE B 724 8.51 34.48 -17.88
C ILE B 724 7.00 34.55 -17.67
N ASP B 725 6.21 34.43 -18.73
CA ASP B 725 4.77 34.51 -18.57
C ASP B 725 4.18 33.25 -17.96
N ILE B 726 4.97 32.20 -17.80
CA ILE B 726 4.53 30.99 -17.11
C ILE B 726 5.06 30.92 -15.68
N LEU B 727 6.30 31.35 -15.45
CA LEU B 727 6.85 31.41 -14.11
C LEU B 727 6.27 32.54 -13.29
N ARG B 728 5.42 33.38 -13.87
CA ARG B 728 4.71 34.41 -13.13
C ARG B 728 3.31 33.98 -12.72
N LEU B 729 2.82 32.87 -13.28
CA LEU B 729 1.54 32.30 -12.88
C LEU B 729 1.73 31.19 -11.84
N LEU B 730 2.82 30.45 -11.93
CA LEU B 730 3.16 29.52 -10.86
C LEU B 730 3.40 30.25 -9.55
N LEU B 731 3.91 31.47 -9.61
CA LEU B 731 4.07 32.26 -8.39
C LEU B 731 2.71 32.60 -7.78
N GLN B 732 1.74 32.98 -8.60
CA GLN B 732 0.41 33.24 -8.07
C GLN B 732 -0.20 31.97 -7.47
N GLN B 733 -0.07 30.85 -8.16
CA GLN B 733 -0.58 29.59 -7.62
C GLN B 733 0.11 29.24 -6.30
N LEU B 734 1.43 29.45 -6.23
CA LEU B 734 2.17 29.07 -5.04
C LEU B 734 1.82 29.97 -3.87
N GLU B 735 1.68 31.27 -4.10
CA GLU B 735 1.30 32.17 -3.04
C GLU B 735 -0.18 32.07 -2.68
N ALA B 736 -0.99 31.42 -3.51
CA ALA B 736 -2.35 31.10 -3.10
C ALA B 736 -2.39 29.82 -2.27
N THR B 737 -1.58 28.82 -2.65
CA THR B 737 -1.56 27.58 -1.88
C THR B 737 -0.84 27.76 -0.55
N LEU B 738 0.13 28.68 -0.48
CA LEU B 738 0.77 28.99 0.80
C LEU B 738 -0.14 29.79 1.72
N GLU B 739 -1.23 30.34 1.20
CA GLU B 739 -2.25 30.94 2.05
C GLU B 739 -3.30 29.92 2.44
N THR B 740 -3.66 29.03 1.52
CA THR B 740 -4.56 27.93 1.85
C THR B 740 -3.98 27.07 2.96
N GLY B 741 -2.70 26.71 2.85
CA GLY B 741 -2.07 25.94 3.91
C GLY B 741 -1.96 26.71 5.21
N LYS B 742 -1.67 28.01 5.14
CA LYS B 742 -1.54 28.80 6.35
C LYS B 742 -2.88 28.97 7.06
N ARG B 743 -3.98 28.98 6.31
CA ARG B 743 -5.29 28.97 6.94
C ARG B 743 -5.71 27.57 7.39
N PHE B 744 -5.12 26.53 6.79
CA PHE B 744 -5.36 25.18 7.27
C PHE B 744 -4.69 24.94 8.62
N ILE B 745 -3.46 25.42 8.79
CA ILE B 745 -2.74 25.21 10.03
C ILE B 745 -3.45 25.90 11.19
N GLU B 746 -4.11 27.03 10.93
CA GLU B 746 -4.87 27.69 11.99
C GLU B 746 -6.03 26.84 12.45
N LYS B 747 -6.57 26.00 11.57
CA LYS B 747 -7.59 25.02 11.94
C LYS B 747 -6.89 23.90 12.70
N ASP B 748 -6.77 24.10 14.01
CA ASP B 748 -5.86 23.29 14.81
C ASP B 748 -6.38 21.87 14.95
N ILE B 749 -5.92 20.99 14.08
CA ILE B 749 -6.34 19.59 14.06
C ILE B 749 -5.37 18.77 14.89
N GLN B 750 -5.91 17.84 15.68
CA GLN B 750 -5.13 17.02 16.59
C GLN B 750 -5.24 15.57 16.18
N TYR B 751 -4.30 15.12 15.35
CA TYR B 751 -4.29 13.72 14.95
C TYR B 751 -3.92 12.83 16.13
N PRO B 752 -4.45 11.62 16.19
CA PRO B 752 -4.02 10.67 17.22
C PRO B 752 -2.58 10.26 16.99
N PHE B 753 -2.02 9.61 18.00
CA PHE B 753 -0.61 9.23 17.92
C PHE B 753 -0.37 8.23 16.79
N LEU B 754 -1.26 7.25 16.66
CA LEU B 754 -1.17 6.25 15.61
C LEU B 754 -1.90 6.67 14.35
N GLY B 755 -2.13 7.97 14.18
CA GLY B 755 -2.88 8.48 13.05
C GLY B 755 -2.01 8.73 11.84
N PRO B 756 -2.31 9.80 11.12
CA PRO B 756 -1.68 10.05 9.81
C PRO B 756 -0.42 10.90 9.82
N VAL B 757 0.22 11.18 10.96
CA VAL B 757 1.52 11.86 10.96
C VAL B 757 1.49 13.21 10.26
N PRO B 758 1.04 14.29 10.93
CA PRO B 758 0.94 15.61 10.28
C PRO B 758 2.20 16.04 9.56
N THR B 759 2.04 16.72 8.42
CA THR B 759 3.13 16.96 7.48
C THR B 759 4.01 18.12 7.93
N ARG B 760 5.09 18.33 7.18
CA ARG B 760 6.06 19.37 7.47
C ARG B 760 5.51 20.77 7.22
N MET B 761 4.32 20.89 6.66
CA MET B 761 3.77 22.20 6.33
C MET B 761 3.64 23.07 7.57
N GLY B 762 3.16 22.49 8.66
CA GLY B 762 3.07 23.25 9.91
C GLY B 762 4.41 23.74 10.39
N GLY B 763 5.48 23.03 10.06
CA GLY B 763 6.82 23.44 10.38
C GLY B 763 7.53 24.14 9.24
N PHE B 764 6.86 24.33 8.11
CA PHE B 764 7.43 25.09 7.01
C PHE B 764 7.15 26.58 7.14
N PHE B 765 6.13 26.96 7.89
CA PHE B 765 5.76 28.35 8.09
C PHE B 765 6.32 28.94 9.38
N ASN B 766 6.49 28.12 10.42
CA ASN B 766 7.06 28.62 11.66
C ASN B 766 8.47 29.15 11.44
N SER B 767 9.38 28.26 11.08
CA SER B 767 10.72 28.67 10.63
C SER B 767 10.52 29.28 9.26
N GLY B 768 10.53 30.61 9.18
CA GLY B 768 10.14 31.28 7.96
C GLY B 768 11.00 30.94 6.78
N CYS B 769 10.46 30.09 5.89
CA CYS B 769 11.10 29.74 4.65
C CYS B 769 10.17 29.82 3.46
N SER B 770 8.85 29.83 3.67
CA SER B 770 7.93 30.11 2.59
C SER B 770 8.17 31.50 2.03
N GLN B 771 8.13 32.51 2.90
CA GLN B 771 8.43 33.86 2.46
C GLN B 771 9.89 34.00 2.02
N CYS B 772 10.78 33.21 2.60
CA CYS B 772 12.20 33.30 2.25
C CYS B 772 12.48 32.75 0.86
N GLN B 773 11.59 31.95 0.29
CA GLN B 773 11.69 31.53 -1.10
C GLN B 773 10.82 32.35 -2.03
N ILE B 774 9.67 32.84 -1.54
CA ILE B 774 8.84 33.71 -2.35
C ILE B 774 9.58 35.02 -2.64
N SER B 775 10.35 35.52 -1.67
CA SER B 775 11.12 36.73 -1.88
C SER B 775 12.28 36.52 -2.85
N SER B 776 12.61 35.27 -3.18
CA SER B 776 13.59 34.98 -4.22
C SER B 776 12.95 34.76 -5.58
N PHE B 777 11.79 34.12 -5.61
CA PHE B 777 11.08 33.97 -6.88
C PHE B 777 10.49 35.30 -7.34
N TYR B 778 10.37 36.29 -6.45
CA TYR B 778 10.07 37.64 -6.89
C TYR B 778 11.32 38.30 -7.46
N LEU B 779 12.48 38.02 -6.86
CA LEU B 779 13.72 38.62 -7.32
C LEU B 779 14.11 38.11 -8.70
N VAL B 780 13.83 36.84 -8.98
CA VAL B 780 14.12 36.32 -10.32
C VAL B 780 13.26 37.02 -11.36
N ASN B 781 11.99 37.27 -11.02
CA ASN B 781 11.11 38.01 -11.91
C ASN B 781 11.62 39.43 -12.15
N ASP B 782 12.06 40.09 -11.08
CA ASP B 782 12.57 41.46 -11.23
C ASP B 782 13.84 41.48 -12.07
N ILE B 783 14.70 40.47 -11.90
CA ILE B 783 15.91 40.42 -12.71
C ILE B 783 15.58 40.15 -14.16
N TYR B 784 14.58 39.32 -14.44
CA TYR B 784 14.18 39.11 -15.82
C TYR B 784 13.63 40.37 -16.44
N GLU B 785 12.84 41.14 -15.67
CA GLU B 785 12.32 42.40 -16.18
C GLU B 785 13.46 43.37 -16.47
N LEU B 786 14.45 43.43 -15.58
CA LEU B 786 15.61 44.28 -15.82
C LEU B 786 16.36 43.84 -17.07
N ASP B 787 16.46 42.53 -17.29
CA ASP B 787 17.17 42.03 -18.45
C ASP B 787 16.45 42.39 -19.73
N THR B 788 15.14 42.16 -19.78
CA THR B 788 14.38 42.52 -20.98
C THR B 788 14.31 44.03 -21.18
N SER B 789 14.49 44.82 -20.14
CA SER B 789 14.52 46.27 -20.29
C SER B 789 15.94 46.77 -20.53
N GLY B 790 16.85 46.49 -19.61
CA GLY B 790 18.24 46.89 -19.72
C GLY B 790 18.63 47.88 -18.66
N LEU B 791 19.94 48.07 -18.53
CA LEU B 791 20.51 49.03 -17.57
C LEU B 791 20.70 50.41 -18.21
N GLU B 792 19.64 50.93 -18.82
CA GLU B 792 19.70 52.24 -19.46
C GLU B 792 18.79 53.25 -18.78
N ASP B 793 17.50 52.94 -18.65
CA ASP B 793 16.55 53.84 -18.00
C ASP B 793 15.63 53.06 -17.09
N THR B 794 16.20 52.12 -16.34
CA THR B 794 15.46 51.26 -15.42
C THR B 794 15.86 51.53 -13.98
N MET B 795 16.01 52.81 -13.63
CA MET B 795 16.43 53.19 -12.29
C MET B 795 15.39 52.88 -11.23
N GLU B 796 14.16 52.56 -11.61
CA GLU B 796 13.16 52.14 -10.66
C GLU B 796 13.22 50.64 -10.40
N ILE B 797 13.70 49.85 -11.37
CA ILE B 797 13.82 48.41 -11.18
C ILE B 797 15.10 48.07 -10.43
N GLN B 798 16.17 48.82 -10.66
CA GLN B 798 17.43 48.52 -10.00
C GLN B 798 17.33 48.78 -8.50
N GLU B 799 16.63 49.84 -8.10
CA GLU B 799 16.43 50.09 -6.67
C GLU B 799 15.60 48.99 -6.03
N ARG B 800 14.60 48.49 -6.73
CA ARG B 800 13.80 47.40 -6.19
C ARG B 800 14.62 46.12 -6.09
N ILE B 801 15.52 45.89 -7.05
CA ILE B 801 16.40 44.73 -6.96
C ILE B 801 17.32 44.85 -5.76
N GLU B 802 17.87 46.03 -5.54
CA GLU B 802 18.75 46.24 -4.38
C GLU B 802 18.00 46.00 -3.08
N ASN B 803 16.78 46.54 -2.98
CA ASN B 803 15.99 46.35 -1.77
C ASN B 803 15.61 44.88 -1.60
N SER B 804 15.36 44.16 -2.70
CA SER B 804 15.04 42.75 -2.59
C SER B 804 16.24 41.95 -2.09
N PHE B 805 17.44 42.28 -2.56
CA PHE B 805 18.64 41.66 -2.01
C PHE B 805 18.75 41.92 -0.51
N LYS B 806 18.65 43.19 -0.12
CA LYS B 806 18.87 43.58 1.27
C LYS B 806 17.77 43.07 2.20
N SER B 807 16.59 42.75 1.67
CA SER B 807 15.52 42.18 2.48
C SER B 807 15.46 40.67 2.42
N LEU B 808 16.09 40.06 1.41
CA LEU B 808 16.19 38.60 1.37
C LEU B 808 17.30 38.10 2.28
N LEU B 809 18.39 38.85 2.37
CA LEU B 809 19.43 38.46 3.33
C LEU B 809 18.93 38.56 4.76
N ASP B 810 18.10 39.55 5.07
CA ASP B 810 17.60 39.71 6.42
C ASP B 810 16.60 38.63 6.81
N GLN B 811 16.04 37.91 5.83
CA GLN B 811 15.23 36.74 6.12
C GLN B 811 16.08 35.48 6.21
N LEU B 812 17.12 35.39 5.39
CA LEU B 812 18.05 34.27 5.51
C LEU B 812 18.76 34.29 6.85
N LYS B 813 18.91 35.47 7.45
CA LYS B 813 19.47 35.55 8.80
C LYS B 813 18.44 35.21 9.88
N ASP B 814 17.16 35.55 9.66
CA ASP B 814 16.14 35.20 10.63
C ASP B 814 15.87 33.70 10.67
N VAL B 815 15.95 33.02 9.53
CA VAL B 815 15.86 31.56 9.53
C VAL B 815 16.93 30.97 10.42
N PHE B 816 18.15 31.51 10.32
CA PHE B 816 19.26 31.05 11.14
C PHE B 816 18.99 31.33 12.61
N SER B 817 18.51 32.53 12.93
CA SER B 817 18.21 32.86 14.32
C SER B 817 17.11 31.99 14.90
N LYS B 818 16.19 31.50 14.07
CA LYS B 818 15.17 30.58 14.55
C LYS B 818 15.65 29.14 14.62
N CYS B 819 16.67 28.78 13.84
CA CYS B 819 17.21 27.43 13.87
C CYS B 819 18.42 27.29 14.78
N LYS B 820 18.82 28.35 15.47
CA LYS B 820 19.93 28.29 16.41
C LYS B 820 19.44 27.76 17.75
N GLY B 821 20.09 26.71 18.25
CA GLY B 821 19.73 26.12 19.53
C GLY B 821 20.70 25.04 19.98
N ASP B 822 20.17 23.97 20.56
CA ASP B 822 20.99 22.84 21.02
C ASP B 822 20.18 21.57 20.84
N LEU B 823 20.71 20.61 20.09
CA LEU B 823 19.96 19.43 19.70
C LEU B 823 19.81 18.41 20.81
N LEU B 824 20.52 18.56 21.91
CA LEU B 824 20.44 17.61 23.01
C LEU B 824 20.89 18.28 24.29
N GLU B 825 20.04 18.29 25.30
CA GLU B 825 20.35 18.88 26.60
C GLU B 825 20.53 17.77 27.63
N VAL B 826 20.85 18.18 28.86
CA VAL B 826 21.01 17.24 29.96
C VAL B 826 20.21 17.74 31.14
N LYS B 827 19.16 18.52 30.86
CA LYS B 827 18.42 19.25 31.88
C LYS B 827 17.86 18.36 32.98
N ASP B 828 18.40 18.50 34.20
CA ASP B 828 17.94 17.76 35.37
C ASP B 828 17.96 16.24 35.15
N GLY B 829 19.08 15.75 34.63
CA GLY B 829 19.25 14.32 34.42
C GLY B 829 18.57 13.75 33.20
N ASN B 830 17.56 14.42 32.66
CA ASN B 830 16.88 13.94 31.47
C ASN B 830 17.66 14.37 30.22
N LEU B 831 17.15 14.01 29.05
CA LEU B 831 17.84 14.32 27.81
C LEU B 831 17.18 15.46 27.04
N LYS B 832 15.86 15.45 26.90
CA LYS B 832 15.11 16.55 26.29
C LYS B 832 15.59 16.82 24.86
N THR B 833 15.33 15.84 24.01
CA THR B 833 15.69 15.95 22.60
C THR B 833 14.84 17.02 21.91
N HIS B 834 15.50 17.87 21.11
CA HIS B 834 14.82 18.90 20.32
C HIS B 834 14.87 18.52 18.85
N PRO B 835 13.79 18.03 18.26
CA PRO B 835 13.82 17.70 16.83
C PRO B 835 13.51 18.90 15.94
N THR B 836 12.84 19.90 16.52
CA THR B 836 12.50 21.10 15.75
C THR B 836 13.74 21.85 15.31
N LEU B 837 14.78 21.86 16.14
CA LEU B 837 16.04 22.49 15.76
C LEU B 837 16.75 21.75 14.64
N LEU B 838 16.35 20.51 14.35
CA LEU B 838 16.87 19.78 13.20
C LEU B 838 15.99 19.92 11.97
N GLU B 839 14.68 20.01 12.14
CA GLU B 839 13.82 20.28 10.99
C GLU B 839 14.04 21.70 10.47
N ASN B 840 14.17 22.68 11.37
CA ASN B 840 14.47 24.04 10.96
C ASN B 840 15.88 24.21 10.43
N LEU B 841 16.74 23.20 10.60
CA LEU B 841 18.07 23.23 10.01
C LEU B 841 18.15 22.45 8.71
N VAL B 842 17.20 21.55 8.47
CA VAL B 842 17.06 20.96 7.14
C VAL B 842 16.37 21.94 6.20
N PHE B 843 15.37 22.66 6.70
CA PHE B 843 14.71 23.67 5.89
C PHE B 843 15.67 24.78 5.48
N PHE B 844 16.62 25.13 6.32
CA PHE B 844 17.57 26.16 5.94
C PHE B 844 18.46 25.72 4.79
N VAL B 845 18.86 24.45 4.77
CA VAL B 845 19.65 23.96 3.64
C VAL B 845 18.79 23.91 2.39
N GLU B 846 17.57 23.39 2.51
CA GLU B 846 16.68 23.35 1.35
C GLU B 846 16.31 24.74 0.83
N THR B 847 16.42 25.77 1.67
CA THR B 847 16.15 27.15 1.27
C THR B 847 17.36 27.86 0.70
N ILE B 848 18.55 27.69 1.27
CA ILE B 848 19.69 28.34 0.68
C ILE B 848 20.12 27.65 -0.60
N SER B 849 19.74 26.39 -0.80
CA SER B 849 19.95 25.78 -2.11
C SER B 849 19.15 26.54 -3.18
N VAL B 850 17.88 26.80 -2.89
CA VAL B 850 17.04 27.55 -3.83
C VAL B 850 17.55 28.96 -4.02
N ILE B 851 17.98 29.60 -2.93
CA ILE B 851 18.49 30.97 -3.03
C ILE B 851 19.76 31.00 -3.86
N LEU B 852 20.60 29.97 -3.75
CA LEU B 852 21.82 29.94 -4.55
C LEU B 852 21.53 29.66 -6.01
N TRP B 853 20.54 28.80 -6.30
CA TRP B 853 20.12 28.62 -7.69
C TRP B 853 19.66 29.94 -8.30
N VAL B 854 18.75 30.63 -7.60
CA VAL B 854 18.22 31.89 -8.10
C VAL B 854 19.34 32.92 -8.25
N SER B 855 20.28 32.95 -7.29
CA SER B 855 21.39 33.89 -7.39
C SER B 855 22.28 33.58 -8.58
N SER B 856 22.56 32.30 -8.82
CA SER B 856 23.31 31.92 -10.00
C SER B 856 22.59 32.28 -11.28
N TYR B 857 21.26 32.38 -11.24
CA TYR B 857 20.56 32.95 -12.39
C TYR B 857 20.89 34.43 -12.56
N CYS B 858 20.73 35.21 -11.49
CA CYS B 858 20.95 36.66 -11.60
C CYS B 858 22.36 37.00 -12.02
N GLU B 859 23.35 36.21 -11.57
CA GLU B 859 24.70 36.38 -12.06
C GLU B 859 24.76 36.19 -13.57
N SER B 860 23.96 35.26 -14.09
CA SER B 860 23.92 35.03 -15.54
C SER B 860 23.40 36.25 -16.29
N VAL B 861 22.63 37.12 -15.63
CA VAL B 861 22.05 38.28 -16.29
C VAL B 861 22.93 39.50 -16.06
N LEU B 862 23.71 39.47 -14.97
CA LEU B 862 24.53 40.62 -14.63
C LEU B 862 25.95 40.54 -15.19
N ARG B 863 26.45 39.33 -15.44
CA ARG B 863 27.82 39.20 -15.94
C ARG B 863 27.99 39.83 -17.32
N PRO B 864 27.16 39.52 -18.32
CA PRO B 864 27.31 40.21 -19.61
C PRO B 864 27.12 41.71 -19.52
N TYR B 865 26.24 42.19 -18.64
CA TYR B 865 26.06 43.63 -18.49
C TYR B 865 27.31 44.28 -17.94
N LYS B 866 27.87 43.73 -16.85
CA LYS B 866 29.10 44.29 -16.31
C LYS B 866 30.26 44.15 -17.26
N LEU B 867 30.22 43.14 -18.14
CA LEU B 867 31.26 43.03 -19.17
C LEU B 867 31.10 44.14 -20.21
N ASN B 868 29.87 44.43 -20.60
CA ASN B 868 29.60 45.53 -21.52
C ASN B 868 29.70 46.89 -20.84
N LEU B 869 29.86 46.92 -19.52
CA LEU B 869 29.99 48.16 -18.78
C LEU B 869 28.75 49.03 -18.92
N ILE B 881 25.31 50.91 -13.04
CA ILE B 881 26.58 50.68 -12.36
C ILE B 881 26.37 50.71 -10.85
N ILE B 882 25.12 50.93 -10.44
CA ILE B 882 24.78 50.96 -9.03
C ILE B 882 24.22 49.63 -8.54
N MET B 883 23.69 48.81 -9.44
CA MET B 883 23.05 47.54 -9.09
C MET B 883 24.08 46.41 -8.91
N PRO B 884 25.06 46.26 -9.80
CA PRO B 884 26.10 45.24 -9.59
C PRO B 884 26.82 45.42 -8.26
N PRO B 885 27.18 46.65 -7.85
CA PRO B 885 27.86 46.82 -6.56
C PRO B 885 27.04 46.41 -5.35
N VAL B 886 25.73 46.20 -5.46
CA VAL B 886 24.98 45.69 -4.32
C VAL B 886 24.84 44.19 -4.45
N PHE B 887 24.84 43.67 -5.67
CA PHE B 887 24.86 42.23 -5.85
C PHE B 887 26.17 41.64 -5.32
N THR B 888 27.28 42.35 -5.50
CA THR B 888 28.55 41.86 -4.97
C THR B 888 28.50 41.77 -3.44
N SER B 889 27.89 42.76 -2.79
CA SER B 889 27.76 42.70 -1.34
C SER B 889 26.81 41.61 -0.91
N PHE B 890 25.71 41.41 -1.65
CA PHE B 890 24.80 40.31 -1.38
C PHE B 890 25.53 38.97 -1.45
N GLN B 891 26.42 38.82 -2.43
CA GLN B 891 27.16 37.57 -2.55
C GLN B 891 28.18 37.42 -1.41
N ASP B 892 28.92 38.48 -1.12
CA ASP B 892 29.93 38.43 -0.06
C ASP B 892 29.31 38.26 1.31
N TYR B 893 28.01 38.54 1.45
CA TYR B 893 27.32 38.28 2.71
C TYR B 893 26.63 36.92 2.73
N VAL B 894 26.14 36.42 1.60
CA VAL B 894 25.62 35.06 1.56
C VAL B 894 26.74 34.07 1.87
N THR B 895 27.95 34.34 1.39
CA THR B 895 29.07 33.48 1.76
C THR B 895 29.36 33.55 3.25
N GLY B 896 29.37 34.76 3.82
CA GLY B 896 29.62 34.92 5.24
C GLY B 896 28.53 34.36 6.13
N LEU B 897 27.33 34.18 5.59
CA LEU B 897 26.27 33.53 6.34
C LEU B 897 26.28 32.01 6.18
N GLN B 898 26.64 31.52 4.99
CA GLN B 898 26.83 30.08 4.85
C GLN B 898 27.97 29.59 5.72
N THR B 899 29.01 30.41 5.91
CA THR B 899 30.07 30.01 6.83
C THR B 899 29.57 29.91 8.25
N LEU B 900 28.74 30.87 8.69
CA LEU B 900 28.19 30.80 10.03
C LEU B 900 27.30 29.59 10.21
N ILE B 901 26.47 29.28 9.21
CA ILE B 901 25.59 28.12 9.34
C ILE B 901 26.39 26.83 9.26
N SER B 902 27.51 26.81 8.54
CA SER B 902 28.35 25.63 8.48
C SER B 902 29.25 25.50 9.70
N ASN B 903 29.36 26.55 10.51
CA ASN B 903 30.02 26.44 11.81
C ASN B 903 29.06 26.12 12.95
N VAL B 904 27.79 26.51 12.82
CA VAL B 904 26.78 26.06 13.79
C VAL B 904 26.24 24.68 13.44
N VAL B 905 26.74 24.07 12.37
CA VAL B 905 26.50 22.65 12.09
C VAL B 905 27.71 21.93 12.67
N ASP B 906 28.45 22.63 13.53
CA ASP B 906 29.43 22.00 14.41
C ASP B 906 28.84 21.71 15.79
N HIS B 907 27.56 21.32 15.83
CA HIS B 907 27.02 20.66 17.02
C HIS B 907 27.63 19.29 17.24
N ILE B 908 28.41 18.79 16.29
CA ILE B 908 29.12 17.53 16.50
C ILE B 908 30.02 17.63 17.71
N LYS B 909 30.67 18.78 17.90
CA LYS B 909 31.53 18.98 19.04
C LYS B 909 30.76 19.12 20.35
N GLY B 910 29.47 19.42 20.28
CA GLY B 910 28.66 19.54 21.49
C GLY B 910 27.84 18.31 21.78
N LEU B 911 27.75 17.41 20.80
CA LEU B 911 27.06 16.14 20.95
C LEU B 911 28.00 14.99 21.27
N GLU B 912 29.19 14.96 20.66
CA GLU B 912 30.17 13.93 21.00
C GLU B 912 30.67 14.07 22.44
N THR B 913 30.48 15.24 23.04
CA THR B 913 30.90 15.47 24.42
C THR B 913 29.85 15.06 25.43
N HIS B 914 28.69 14.59 25.00
CA HIS B 914 27.68 14.13 25.94
C HIS B 914 28.15 12.84 26.62
N LEU B 915 27.81 12.71 27.90
CA LEU B 915 28.17 11.54 28.68
C LEU B 915 27.04 10.52 28.79
N ILE B 916 25.81 11.00 28.95
CA ILE B 916 24.58 10.20 29.08
C ILE B 916 24.77 8.98 29.98
N SER B 931 14.64 -1.77 36.21
CA SER B 931 15.33 -3.04 36.40
C SER B 931 16.79 -2.94 35.96
N PRO B 932 17.61 -3.90 36.36
CA PRO B 932 19.03 -3.88 35.94
C PRO B 932 19.21 -4.08 34.45
N GLU B 933 18.19 -4.54 33.73
CA GLU B 933 18.25 -4.62 32.28
C GLU B 933 17.53 -3.47 31.59
N GLU B 934 16.50 -2.90 32.22
CA GLU B 934 15.91 -1.68 31.70
C GLU B 934 16.82 -0.48 31.90
N ARG B 935 17.80 -0.59 32.80
CA ARG B 935 18.82 0.44 32.96
C ARG B 935 19.98 0.27 31.99
N LYS B 936 19.92 -0.74 31.13
CA LYS B 936 20.92 -0.92 30.08
C LYS B 936 20.38 -0.59 28.69
N PHE B 937 19.09 -0.77 28.46
CA PHE B 937 18.52 -0.44 27.15
C PHE B 937 18.29 1.06 27.00
N SER B 938 18.24 1.80 28.10
CA SER B 938 18.24 3.26 27.98
C SER B 938 19.55 3.75 27.40
N LYS B 939 20.66 3.13 27.77
CA LYS B 939 21.97 3.50 27.24
C LYS B 939 22.16 3.07 25.79
N THR B 940 21.23 2.33 25.22
CA THR B 940 21.23 2.06 23.78
C THR B 940 20.21 2.90 23.04
N VAL B 941 19.04 3.17 23.64
CA VAL B 941 18.09 4.10 23.04
C VAL B 941 18.71 5.49 22.90
N GLN B 942 19.31 5.99 23.98
CA GLN B 942 19.95 7.30 23.92
C GLN B 942 21.18 7.27 23.03
N GLY B 943 21.92 6.18 23.05
CA GLY B 943 23.06 6.03 22.15
C GLY B 943 22.67 5.90 20.69
N LYS B 944 21.42 5.57 20.40
CA LYS B 944 20.91 5.58 19.03
C LYS B 944 20.42 6.97 18.63
N VAL B 945 19.70 7.65 19.52
CA VAL B 945 19.25 9.00 19.19
C VAL B 945 20.43 9.94 18.99
N GLN B 946 21.45 9.84 19.84
CA GLN B 946 22.62 10.70 19.72
C GLN B 946 23.36 10.42 18.42
N SER B 947 23.61 9.15 18.11
CA SER B 947 24.32 8.79 16.90
C SER B 947 23.47 8.96 15.65
N SER B 948 22.18 9.22 15.78
CA SER B 948 21.38 9.64 14.64
C SER B 948 21.45 11.14 14.41
N TYR B 949 21.37 11.93 15.49
CA TYR B 949 21.58 13.36 15.35
C TYR B 949 22.95 13.67 14.79
N LEU B 950 23.97 12.92 15.21
CA LEU B 950 25.32 13.16 14.71
C LEU B 950 25.40 12.87 13.22
N HIS B 951 24.78 11.79 12.77
CA HIS B 951 24.78 11.46 11.35
C HIS B 951 24.04 12.51 10.53
N SER B 952 22.89 12.97 11.03
CA SER B 952 22.13 14.00 10.32
C SER B 952 22.94 15.29 10.19
N LEU B 953 23.53 15.74 11.30
CA LEU B 953 24.33 16.95 11.26
C LEU B 953 25.55 16.77 10.38
N LEU B 954 26.14 15.58 10.34
CA LEU B 954 27.28 15.35 9.47
C LEU B 954 26.89 15.49 8.01
N GLU B 955 25.76 14.89 7.62
CA GLU B 955 25.33 14.99 6.23
C GLU B 955 24.98 16.42 5.84
N MET B 956 24.28 17.14 6.71
CA MET B 956 23.92 18.52 6.39
C MET B 956 25.16 19.41 6.32
N GLY B 957 26.10 19.22 7.24
CA GLY B 957 27.32 20.00 7.19
C GLY B 957 28.15 19.71 5.96
N GLU B 958 28.20 18.45 5.54
CA GLU B 958 28.92 18.11 4.32
C GLU B 958 28.25 18.74 3.10
N LEU B 959 26.92 18.73 3.06
CA LEU B 959 26.23 19.35 1.93
C LEU B 959 26.46 20.85 1.90
N LEU B 960 26.45 21.51 3.06
CA LEU B 960 26.73 22.94 3.06
C LEU B 960 28.19 23.24 2.72
N LYS B 961 29.12 22.37 3.10
CA LYS B 961 30.50 22.60 2.71
C LYS B 961 30.69 22.41 1.23
N LYS B 962 29.92 21.52 0.61
CA LYS B 962 29.98 21.39 -0.85
C LYS B 962 29.21 22.50 -1.56
N ARG B 963 28.23 23.11 -0.91
CA ARG B 963 27.45 24.17 -1.52
C ARG B 963 28.12 25.53 -1.39
N LEU B 964 28.85 25.77 -0.31
CA LEU B 964 29.55 27.05 -0.14
C LEU B 964 30.64 27.26 -1.18
N GLU B 965 31.18 26.18 -1.74
CA GLU B 965 32.18 26.32 -2.80
C GLU B 965 31.56 26.86 -4.09
N THR B 966 30.26 26.67 -4.29
CA THR B 966 29.61 27.15 -5.50
C THR B 966 29.38 28.65 -5.49
N THR B 967 29.58 29.32 -4.36
CA THR B 967 29.50 30.77 -4.31
C THR B 967 30.76 31.44 -4.82
N LYS B 968 31.72 30.67 -5.33
CA LYS B 968 32.89 31.22 -6.01
C LYS B 968 32.65 31.41 -7.49
N LYS B 969 31.53 30.93 -8.01
CA LYS B 969 31.12 31.17 -9.38
C LYS B 969 30.07 32.26 -9.49
N LEU B 970 29.76 32.94 -8.39
CA LEU B 970 28.78 34.02 -8.38
C LEU B 970 29.38 35.38 -8.09
N LYS B 971 30.63 35.44 -7.61
CA LYS B 971 31.24 36.72 -7.26
C LYS B 971 31.53 37.49 -8.54
N ILE B 972 30.68 38.46 -8.84
CA ILE B 972 30.87 39.30 -10.02
C ILE B 972 30.99 40.76 -9.60
N MET C 1 4.11 -21.75 1.19
CA MET C 1 4.79 -20.57 0.70
C MET C 1 5.83 -20.97 -0.33
N ASP C 2 5.77 -20.37 -1.51
CA ASP C 2 6.75 -20.59 -2.55
C ASP C 2 7.81 -19.50 -2.53
N VAL C 3 8.82 -19.66 -3.38
CA VAL C 3 9.87 -18.66 -3.49
C VAL C 3 9.34 -17.49 -4.29
N PHE C 4 10.03 -16.36 -4.22
CA PHE C 4 9.52 -15.13 -4.81
C PHE C 4 9.73 -15.06 -6.32
N MET C 5 10.77 -15.71 -6.82
CA MET C 5 11.07 -15.61 -8.25
C MET C 5 11.78 -16.88 -8.74
N1A CMC D . 1.59 -25.04 18.05
C2A CMC D . 0.94 -26.21 18.00
N3A CMC D . -0.09 -26.58 17.26
C4A CMC D . -0.50 -25.56 16.48
C5A CMC D . 0.05 -24.30 16.40
C6A CMC D . 1.16 -24.04 17.24
N6A CMC D . 1.79 -22.86 17.28
N7A CMC D . -0.64 -23.52 15.48
C8A CMC D . -1.56 -24.32 15.02
N9A CMC D . -1.53 -25.57 15.58
C1B CMC D . -2.41 -26.71 15.30
C2B CMC D . -3.89 -26.41 15.55
O2B CMC D . -4.25 -26.65 16.89
C3B CMC D . -4.56 -27.39 14.58
O3B CMC D . -4.62 -28.69 15.15
P3B CMC D . -6.04 -28.89 15.88
O7A CMC D . -7.06 -29.16 14.77
O8A CMC D . -6.34 -27.60 16.62
O9A CMC D . -5.90 -30.08 16.81
C4B CMC D . -3.60 -27.36 13.39
O4B CMC D . -2.30 -27.03 13.94
C5B CMC D . -3.96 -26.36 12.32
O5B CMC D . -4.43 -25.14 12.94
P1A CMC D . -5.97 -24.73 12.74
O1A CMC D . -6.68 -25.82 12.01
O2A CMC D . -6.53 -24.27 14.05
O3A CMC D . -5.82 -23.46 11.77
P2A CMC D . -5.20 -22.00 11.98
O4A CMC D . -5.83 -21.06 11.01
O5A CMC D . -5.22 -21.66 13.43
O6A CMC D . -3.68 -22.25 11.53
CBP CMC D . -1.91 -21.06 10.40
CCP CMC D . -2.71 -21.17 11.68
CDP CMC D . -2.86 -20.95 9.21
CEP CMC D . -1.05 -22.31 10.22
CAP CMC D . -0.99 -19.83 10.43
OAP CMC D . 0.03 -20.02 11.40
C9P CMC D . -0.37 -19.56 9.07
O9P CMC D . -0.36 -20.44 8.21
N8P CMC D . 0.16 -18.36 8.87
C7P CMC D . 1.55 -18.03 9.18
C6P CMC D . 2.52 -18.95 8.48
C5P CMC D . 2.33 -18.92 6.97
O5P CMC D . 1.82 -17.95 6.41
N4P CMC D . 2.74 -20.01 6.29
C3P CMC D . 1.84 -20.99 5.73
C2P CMC D . 2.34 -22.41 5.91
S1P CMC D . 2.59 -23.28 4.33
C1 CMC D . 3.71 -22.14 3.45
C2 CMC D . 3.61 -22.29 1.95
O21 CMC D . 2.74 -23.06 1.51
#